data_6MVK
#
_entry.id   6MVK
#
_cell.length_a   86.372
_cell.length_b   107.468
_cell.length_c   126.744
_cell.angle_alpha   90.000
_cell.angle_beta   90.000
_cell.angle_gamma   90.000
#
_symmetry.space_group_name_H-M   'P 21 21 21'
#
loop_
_entity.id
_entity.type
_entity.pdbx_description
1 polymer 'HCV Polymerase'
2 non-polymer '(4-{(4S)-3-[5-cyclopropyl-2-(4-fluorophenyl)-3-(methylcarbamoyl)-1-benzofuran-6-yl]-2-oxo-1,3-oxazolidin-4-yl}-2-fluorophenyl)boronic acid'
3 water water
#
_entity_poly.entity_id   1
_entity_poly.type   'polypeptide(L)'
_entity_poly.pdbx_seq_one_letter_code
;SMSYTWTGALITPCAAEESKLPINALSNSLLRHHNMVYATTSRSAGQRQKKVTFDRLQVLDDHYRDVLKEMKAKASTVKA
KLLSVEEACKLTPPHSAKSKYGYGAKDVRNLSSRAVNHIHSVWKDLLEDTVTPIDTTIMAKNEVFCVQPEKGGRKPARLI
VFPDLGVRVCEKMALYDVVSTLPQVVMGSSYGFQYSPGQRVEFLVNTWKSKKNPMGFSYDTRCFDSTVTENDIRVEESIY
QCCDLAPEARQAIKSLTERLYIGGPLTNSKGQNCGYRRCRASGVLTTSCGNTLTCYLKASAACRAAKLQDCTMLVNGDDL
VVICESAGVQEDAASLRVFTEAMTRYSAPPGDPPQPEYDLELITSCSSNVSVAHDASGKRVYYLTRDPTTPLARAAWETA
RHTPVNSWLGNIIMYAPTLWARMILMTHFFSILLAQEQLEKALDCQIYGACYSIEPLDLPQIIERLHGLSAFSLHSYSPG
EINRVASCLRKLGVPPLRVWRHRARSVRARLLSQGGRAATCGKYLFNWAVKTKLKLTPIPAASQLDLSGWFVAGYSGGDI
YHA
;
_entity_poly.pdbx_strand_id   A,B
#
loop_
_chem_comp.id
_chem_comp.type
_chem_comp.name
_chem_comp.formula
K4J non-polymer '(4-{(4S)-3-[5-cyclopropyl-2-(4-fluorophenyl)-3-(methylcarbamoyl)-1-benzofuran-6-yl]-2-oxo-1,3-oxazolidin-4-yl}-2-fluorophenyl)boronic acid' 'C28 H23 B F2 N2 O6'
#
# COMPACT_ATOMS: atom_id res chain seq x y z
N SER A 1 13.07 -6.34 8.18
CA SER A 1 14.02 -5.20 8.18
C SER A 1 14.39 -4.80 9.59
N MET A 2 15.65 -4.50 9.79
CA MET A 2 16.16 -4.14 11.12
C MET A 2 15.91 -2.66 11.41
N SER A 3 15.39 -2.38 12.59
CA SER A 3 15.11 -1.00 13.02
C SER A 3 16.37 -0.14 12.97
N TYR A 4 17.49 -0.75 13.34
CA TYR A 4 18.81 -0.10 13.32
C TYR A 4 19.91 -1.06 12.93
N THR A 5 20.93 -0.49 12.27
CA THR A 5 22.24 -1.14 12.07
C THR A 5 23.30 -0.24 12.71
N TRP A 6 24.27 -0.85 13.37
CA TRP A 6 25.29 -0.12 14.12
C TRP A 6 26.69 -0.41 13.60
N THR A 7 27.51 0.63 13.51
CA THR A 7 28.94 0.50 13.15
C THR A 7 29.78 0.07 14.36
N GLY A 8 29.36 0.48 15.55
CA GLY A 8 30.14 0.26 16.78
C GLY A 8 30.76 1.53 17.34
N ALA A 9 30.79 2.60 16.54
CA ALA A 9 31.14 3.92 17.06
C ALA A 9 30.17 4.29 18.19
N LEU A 10 30.71 4.90 19.24
CA LEU A 10 29.92 5.18 20.44
C LEU A 10 29.02 6.38 20.26
N ILE A 11 27.91 6.36 21.00
CA ILE A 11 27.04 7.52 21.11
C ILE A 11 27.64 8.38 22.20
N THR A 12 28.06 9.58 21.78
CA THR A 12 28.89 10.44 22.62
C THR A 12 28.11 11.65 23.11
N PRO A 13 28.48 12.16 24.29
CA PRO A 13 27.85 13.36 24.80
C PRO A 13 28.39 14.61 24.12
N CYS A 14 27.62 15.68 24.13
CA CYS A 14 28.05 16.97 23.57
C CYS A 14 28.49 17.93 24.66
N ALA A 15 28.39 17.49 25.91
CA ALA A 15 28.81 18.28 27.08
C ALA A 15 28.93 17.39 28.32
N ALA A 16 29.32 18.01 29.43
CA ALA A 16 29.46 17.31 30.71
C ALA A 16 28.13 16.73 31.17
N GLU A 17 28.16 15.47 31.60
CA GLU A 17 26.96 14.77 32.05
C GLU A 17 27.00 14.40 33.52
N GLU A 18 25.96 14.79 34.24
CA GLU A 18 25.80 14.44 35.66
C GLU A 18 24.71 13.39 35.81
N SER A 19 25.03 12.35 36.57
CA SER A 19 24.09 11.26 36.85
C SER A 19 23.56 11.30 38.29
N LYS A 20 24.38 11.82 39.19
CA LYS A 20 24.08 11.89 40.63
C LYS A 20 23.36 13.20 40.97
N LEU A 21 22.34 13.11 41.81
CA LEU A 21 21.54 14.28 42.17
C LEU A 21 22.38 15.36 42.85
N PRO A 22 22.43 16.54 42.24
CA PRO A 22 23.11 17.69 42.83
C PRO A 22 22.39 18.13 44.10
N ILE A 23 23.18 18.47 45.10
CA ILE A 23 22.65 18.84 46.42
C ILE A 23 23.03 20.27 46.74
N ASN A 24 22.04 21.03 47.18
CA ASN A 24 22.29 22.37 47.72
C ASN A 24 21.59 22.59 49.06
N ALA A 25 21.58 23.83 49.55
CA ALA A 25 21.00 24.16 50.85
C ALA A 25 19.50 23.91 50.93
N LEU A 26 18.84 24.00 49.79
CA LEU A 26 17.39 23.76 49.68
C LEU A 26 16.97 22.29 49.55
N SER A 27 17.91 21.41 49.23
CA SER A 27 17.58 20.03 48.81
C SER A 27 16.85 19.23 49.88
N ASN A 28 17.37 19.27 51.10
CA ASN A 28 16.83 18.46 52.20
C ASN A 28 15.40 18.81 52.60
N SER A 29 15.06 20.08 52.42
CA SER A 29 13.70 20.56 52.69
C SER A 29 12.66 19.88 51.81
N LEU A 30 13.07 19.49 50.59
CA LEU A 30 12.19 18.73 49.68
C LEU A 30 12.37 17.21 49.78
N LEU A 31 13.61 16.76 49.74
CA LEU A 31 13.92 15.33 49.53
C LEU A 31 15.19 14.88 50.28
N ARG A 32 15.06 13.82 51.06
CA ARG A 32 16.16 13.31 51.91
C ARG A 32 16.91 12.13 51.32
N HIS A 33 16.20 11.26 50.60
CA HIS A 33 16.81 10.03 50.04
C HIS A 33 17.40 10.31 48.66
N HIS A 34 18.50 11.06 48.69
CA HIS A 34 19.13 11.62 47.49
C HIS A 34 19.62 10.54 46.52
N ASN A 35 20.06 9.41 47.07
CA ASN A 35 20.62 8.28 46.29
C ASN A 35 19.58 7.54 45.43
N MET A 36 18.30 7.79 45.68
CA MET A 36 17.23 7.17 44.91
C MET A 36 16.94 7.90 43.60
N VAL A 37 17.45 9.12 43.50
CA VAL A 37 17.27 9.94 42.29
C VAL A 37 18.53 9.91 41.42
N TYR A 38 18.31 9.76 40.12
CA TYR A 38 19.41 9.72 39.15
C TYR A 38 19.02 10.33 37.81
N ALA A 39 20.04 10.68 37.03
CA ALA A 39 19.83 11.15 35.67
C ALA A 39 20.51 10.21 34.67
N THR A 40 19.83 9.93 33.57
CA THR A 40 20.42 9.08 32.52
C THR A 40 21.51 9.83 31.76
N THR A 41 22.51 9.07 31.32
CA THR A 41 23.63 9.61 30.53
C THR A 41 23.98 8.72 29.31
N SER A 42 24.90 9.21 28.48
CA SER A 42 25.43 8.44 27.33
C SER A 42 26.05 7.09 27.74
N ARG A 43 26.58 7.04 28.96
CA ARG A 43 27.16 5.81 29.50
C ARG A 43 26.25 4.58 29.35
N SER A 44 24.94 4.81 29.36
CA SER A 44 23.97 3.70 29.21
C SER A 44 23.41 3.54 27.79
N ALA A 45 23.96 4.30 26.84
CA ALA A 45 23.43 4.33 25.46
C ALA A 45 23.46 2.93 24.84
N GLY A 46 24.56 2.22 25.09
CA GLY A 46 24.75 0.86 24.59
C GLY A 46 23.60 -0.07 24.95
N GLN A 47 23.14 0.06 26.19
CA GLN A 47 22.03 -0.77 26.69
C GLN A 47 20.72 -0.49 25.95
N ARG A 48 20.49 0.79 25.66
CA ARG A 48 19.30 1.23 24.90
C ARG A 48 19.36 0.74 23.45
N GLN A 49 20.55 0.82 22.86
CA GLN A 49 20.76 0.38 21.48
C GLN A 49 20.27 -1.05 21.29
N LYS A 50 20.69 -1.92 22.21
CA LYS A 50 20.27 -3.32 22.22
C LYS A 50 18.75 -3.44 22.20
N LYS A 51 18.11 -2.67 23.09
CA LYS A 51 16.65 -2.76 23.27
C LYS A 51 15.88 -2.35 22.01
N VAL A 52 16.32 -1.27 21.37
CA VAL A 52 15.58 -0.65 20.27
C VAL A 52 15.89 -1.28 18.91
N THR A 53 16.85 -2.19 18.90
CA THR A 53 17.33 -2.85 17.69
C THR A 53 16.69 -4.20 17.52
N PHE A 54 15.77 -4.30 16.55
CA PHE A 54 15.13 -5.59 16.22
C PHE A 54 14.53 -5.65 14.82
N ASP A 55 14.21 -6.87 14.40
CA ASP A 55 13.60 -7.13 13.10
C ASP A 55 12.10 -6.86 13.19
N ARG A 56 11.55 -6.22 12.16
CA ARG A 56 10.10 -5.97 12.10
C ARG A 56 9.48 -6.76 10.96
N LEU A 57 8.46 -7.56 11.30
CA LEU A 57 7.66 -8.27 10.31
C LEU A 57 6.25 -7.70 10.27
N GLN A 58 5.76 -7.48 9.05
CA GLN A 58 4.44 -6.88 8.89
C GLN A 58 3.50 -7.66 7.97
N VAL A 59 2.30 -7.90 8.49
CA VAL A 59 1.25 -8.60 7.76
C VAL A 59 -0.03 -7.76 7.76
N LEU A 60 -0.42 -7.30 6.59
CA LEU A 60 -1.50 -6.32 6.45
C LEU A 60 -2.72 -6.91 5.77
N ASP A 61 -3.83 -6.88 6.51
CA ASP A 61 -5.10 -7.41 6.04
C ASP A 61 -6.09 -6.34 5.58
N ASP A 62 -7.30 -6.78 5.27
CA ASP A 62 -8.36 -5.91 4.74
C ASP A 62 -8.85 -4.87 5.76
N HIS A 63 -8.90 -5.25 7.03
CA HIS A 63 -9.28 -4.32 8.08
C HIS A 63 -8.34 -3.12 8.08
N TYR A 64 -7.06 -3.40 7.95
CA TYR A 64 -6.04 -2.34 7.95
C TYR A 64 -6.26 -1.40 6.77
N ARG A 65 -6.45 -2.00 5.60
CA ARG A 65 -6.66 -1.22 4.37
C ARG A 65 -7.99 -0.45 4.36
N ASP A 66 -9.05 -1.06 4.91
CA ASP A 66 -10.37 -0.39 5.01
C ASP A 66 -10.28 0.89 5.84
N VAL A 67 -9.62 0.77 7.01
CA VAL A 67 -9.44 1.90 7.91
C VAL A 67 -8.61 2.99 7.24
N LEU A 68 -7.53 2.59 6.58
CA LEU A 68 -6.65 3.54 5.89
C LEU A 68 -7.45 4.36 4.88
N LYS A 69 -8.29 3.67 4.10
CA LYS A 69 -9.15 4.32 3.10
C LYS A 69 -10.04 5.40 3.73
N GLU A 70 -10.64 5.05 4.86
CA GLU A 70 -11.48 5.99 5.61
C GLU A 70 -10.69 7.19 6.11
N MET A 71 -9.47 6.93 6.58
CA MET A 71 -8.61 7.99 7.11
C MET A 71 -8.22 8.95 5.99
N LYS A 72 -7.93 8.40 4.82
CA LYS A 72 -7.53 9.19 3.64
C LYS A 72 -8.68 10.07 3.13
N ALA A 73 -9.90 9.55 3.22
CA ALA A 73 -11.10 10.26 2.76
C ALA A 73 -11.34 11.50 3.61
N LYS A 74 -11.06 11.38 4.91
CA LYS A 74 -11.15 12.53 5.82
C LYS A 74 -10.00 13.50 5.59
N ALA A 75 -8.80 12.95 5.35
CA ALA A 75 -7.62 13.76 5.09
C ALA A 75 -7.78 14.61 3.83
N SER A 76 -8.58 14.11 2.89
CA SER A 76 -8.84 14.82 1.63
C SER A 76 -9.65 16.09 1.79
N THR A 77 -10.23 16.30 2.97
CA THR A 77 -10.97 17.54 3.27
C THR A 77 -10.07 18.62 3.85
N VAL A 78 -8.85 18.24 4.19
CA VAL A 78 -7.91 19.16 4.82
C VAL A 78 -7.21 20.03 3.78
N LYS A 79 -7.20 21.33 4.04
CA LYS A 79 -6.43 22.28 3.25
C LYS A 79 -5.35 22.88 4.14
N ALA A 80 -4.12 22.71 3.72
CA ALA A 80 -2.96 23.14 4.48
C ALA A 80 -2.16 24.17 3.69
N LYS A 81 -1.59 25.13 4.41
CA LYS A 81 -0.75 26.15 3.79
C LYS A 81 0.75 25.98 4.05
N LEU A 82 1.51 26.54 3.14
CA LEU A 82 2.96 26.68 3.29
C LEU A 82 3.24 27.81 4.24
N LEU A 83 4.04 27.53 5.25
CA LEU A 83 4.59 28.59 6.10
C LEU A 83 5.74 29.28 5.37
N SER A 84 5.78 30.60 5.48
CA SER A 84 6.95 31.36 5.01
C SER A 84 8.15 31.06 5.90
N VAL A 85 9.32 31.46 5.42
CA VAL A 85 10.57 31.30 6.17
C VAL A 85 10.46 32.00 7.51
N GLU A 86 10.00 33.25 7.46
CA GLU A 86 9.87 34.12 8.63
C GLU A 86 8.96 33.50 9.70
N GLU A 87 7.84 32.96 9.25
CA GLU A 87 6.89 32.29 10.15
C GLU A 87 7.53 31.07 10.81
N ALA A 88 8.18 30.26 9.98
CA ALA A 88 8.82 29.04 10.46
C ALA A 88 9.91 29.37 11.47
N CYS A 89 10.67 30.41 11.14
CA CYS A 89 11.76 30.90 12.00
C CYS A 89 11.28 31.26 13.40
N LYS A 90 10.12 31.91 13.46
CA LYS A 90 9.57 32.39 14.73
C LYS A 90 9.06 31.25 15.61
N LEU A 91 8.88 30.08 15.02
CA LEU A 91 8.44 28.88 15.76
C LEU A 91 9.63 28.11 16.35
N THR A 92 10.83 28.60 16.08
CA THR A 92 12.07 27.94 16.54
C THR A 92 12.37 28.36 17.99
N PRO A 93 12.57 27.37 18.89
CA PRO A 93 12.97 27.67 20.28
C PRO A 93 14.31 28.40 20.37
N PRO A 94 14.40 29.43 21.24
CA PRO A 94 15.64 30.19 21.45
C PRO A 94 16.86 29.33 21.71
N HIS A 95 16.67 28.22 22.43
CA HIS A 95 17.79 27.34 22.81
C HIS A 95 17.86 26.04 22.00
N SER A 96 17.26 26.05 20.82
CA SER A 96 17.31 24.90 19.92
C SER A 96 18.75 24.73 19.43
N ALA A 97 19.16 23.47 19.26
CA ALA A 97 20.52 23.14 18.85
C ALA A 97 20.93 23.90 17.59
N LYS A 98 22.12 24.49 17.65
CA LYS A 98 22.64 25.29 16.54
C LYS A 98 22.97 24.46 15.30
N SER A 99 22.99 25.13 14.17
CA SER A 99 23.37 24.51 12.88
C SER A 99 24.86 24.21 12.81
N LYS A 100 25.20 23.18 12.04
CA LYS A 100 26.59 22.84 11.76
C LYS A 100 27.18 23.83 10.76
N TYR A 101 26.32 24.63 10.14
CA TYR A 101 26.72 25.55 9.05
C TYR A 101 26.82 27.01 9.49
N GLY A 102 27.26 27.21 10.73
CA GLY A 102 27.71 28.53 11.20
C GLY A 102 26.65 29.53 11.67
N TYR A 103 25.49 29.02 12.09
CA TYR A 103 24.46 29.85 12.72
C TYR A 103 23.66 29.07 13.76
N GLY A 104 22.97 29.80 14.63
CA GLY A 104 22.19 29.21 15.72
C GLY A 104 20.73 29.62 15.76
N ALA A 105 20.04 29.20 16.80
CA ALA A 105 18.59 29.44 16.94
C ALA A 105 18.22 30.92 17.01
N LYS A 106 19.07 31.70 17.66
CA LYS A 106 18.81 33.15 17.83
C LYS A 106 18.97 33.89 16.52
N ASP A 107 19.92 33.43 15.71
CA ASP A 107 20.13 33.95 14.35
C ASP A 107 18.91 33.66 13.47
N VAL A 108 18.39 32.45 13.62
CA VAL A 108 17.17 32.03 12.92
C VAL A 108 16.01 32.91 13.37
N ARG A 109 15.87 33.06 14.67
CA ARG A 109 14.77 33.85 15.25
C ARG A 109 14.83 35.33 14.87
N ASN A 110 16.04 35.83 14.64
CA ASN A 110 16.26 37.23 14.25
C ASN A 110 16.28 37.47 12.74
N LEU A 111 16.11 36.39 11.98
CA LEU A 111 16.06 36.44 10.50
C LEU A 111 17.39 36.93 9.91
N SER A 112 18.49 36.61 10.60
CA SER A 112 19.82 36.96 10.11
C SER A 112 20.02 36.39 8.72
N SER A 113 20.67 37.17 7.85
CA SER A 113 20.78 36.82 6.42
C SER A 113 21.52 35.50 6.19
N ARG A 114 22.54 35.22 7.01
CA ARG A 114 23.27 33.96 6.92
C ARG A 114 22.32 32.77 7.16
N ALA A 115 21.46 32.91 8.17
CA ALA A 115 20.47 31.88 8.54
C ALA A 115 19.42 31.68 7.45
N VAL A 116 18.82 32.79 7.02
CA VAL A 116 17.77 32.79 6.00
C VAL A 116 18.29 32.20 4.69
N ASN A 117 19.49 32.63 4.31
CA ASN A 117 20.14 32.19 3.06
C ASN A 117 20.37 30.68 3.02
N HIS A 118 20.85 30.13 4.13
CA HIS A 118 21.07 28.68 4.20
C HIS A 118 19.76 27.90 4.15
N ILE A 119 18.77 28.43 4.86
CA ILE A 119 17.42 27.83 4.91
C ILE A 119 16.82 27.76 3.52
N HIS A 120 16.93 28.84 2.75
CA HIS A 120 16.47 28.88 1.36
C HIS A 120 17.19 27.84 0.48
N SER A 121 18.48 27.65 0.73
CA SER A 121 19.28 26.67 -0.03
C SER A 121 18.90 25.22 0.31
N VAL A 122 18.62 24.98 1.58
CA VAL A 122 18.12 23.66 2.03
C VAL A 122 16.76 23.37 1.37
N TRP A 123 15.90 24.40 1.34
CA TRP A 123 14.55 24.29 0.74
C TRP A 123 14.65 23.94 -0.74
N LYS A 124 15.45 24.72 -1.45
CA LYS A 124 15.69 24.50 -2.88
C LYS A 124 16.18 23.07 -3.13
N ASP A 125 17.12 22.62 -2.29
CA ASP A 125 17.68 21.27 -2.37
C ASP A 125 16.60 20.19 -2.17
N LEU A 126 15.70 20.42 -1.22
CA LEU A 126 14.56 19.48 -0.99
C LEU A 126 13.66 19.37 -2.24
N LEU A 127 13.45 20.49 -2.91
CA LEU A 127 12.59 20.54 -4.10
C LEU A 127 13.23 19.82 -5.28
N GLU A 128 14.53 20.04 -5.46
CA GLU A 128 15.33 19.44 -6.54
C GLU A 128 15.79 17.97 -6.35
N ASP A 129 16.03 17.57 -5.10
CA ASP A 129 16.59 16.24 -4.80
C ASP A 129 15.65 15.45 -3.87
N THR A 130 15.12 14.33 -4.38
CA THR A 130 14.20 13.46 -3.60
C THR A 130 14.79 12.10 -3.20
N VAL A 131 16.12 11.94 -3.31
CA VAL A 131 16.73 10.63 -3.06
C VAL A 131 17.85 10.59 -2.02
N THR A 132 18.55 11.71 -1.82
CA THR A 132 19.75 11.69 -0.99
C THR A 132 19.40 11.72 0.48
N PRO A 133 19.79 10.66 1.21
CA PRO A 133 19.50 10.60 2.63
C PRO A 133 20.07 11.79 3.39
N ILE A 134 19.26 12.35 4.27
CA ILE A 134 19.66 13.51 5.05
C ILE A 134 20.29 13.05 6.35
N ASP A 135 21.38 13.71 6.71
CA ASP A 135 22.11 13.36 7.92
C ASP A 135 21.29 13.70 9.16
N THR A 136 21.49 12.89 10.19
CA THR A 136 20.92 13.11 11.50
C THR A 136 21.98 12.92 12.59
N THR A 137 21.75 13.61 13.70
CA THR A 137 22.58 13.45 14.88
C THR A 137 21.84 12.55 15.85
N ILE A 138 22.58 11.59 16.41
CA ILE A 138 22.05 10.74 17.48
C ILE A 138 22.72 11.11 18.82
N MET A 139 21.88 11.32 19.82
CA MET A 139 22.31 11.71 21.17
C MET A 139 21.61 10.88 22.23
N ALA A 140 22.23 10.83 23.41
CA ALA A 140 21.61 10.25 24.59
C ALA A 140 20.89 11.34 25.38
N LYS A 141 19.63 11.08 25.74
CA LYS A 141 18.87 12.03 26.56
C LYS A 141 19.29 11.98 28.02
N ASN A 142 19.40 13.17 28.61
CA ASN A 142 19.64 13.32 30.04
C ASN A 142 18.33 13.59 30.76
N GLU A 143 17.72 12.53 31.25
CA GLU A 143 16.45 12.63 32.01
C GLU A 143 16.56 12.06 33.41
N VAL A 144 15.79 12.66 34.32
CA VAL A 144 15.83 12.31 35.74
C VAL A 144 14.69 11.35 36.11
N PHE A 145 15.04 10.32 36.88
CA PHE A 145 14.05 9.35 37.42
C PHE A 145 14.34 8.94 38.88
N CYS A 146 13.38 8.22 39.46
CA CYS A 146 13.61 7.52 40.72
C CYS A 146 13.94 6.05 40.44
N VAL A 147 14.84 5.49 41.23
CA VAL A 147 15.22 4.08 41.07
C VAL A 147 14.03 3.16 41.29
N GLN A 148 14.02 2.06 40.54
CA GLN A 148 12.95 1.04 40.53
C GLN A 148 11.54 1.63 40.67
N ARG A 154 17.73 0.96 37.38
CA ARG A 154 17.92 2.15 36.56
C ARG A 154 17.59 1.91 35.09
N LYS A 155 16.83 2.85 34.53
CA LYS A 155 16.49 2.86 33.10
C LYS A 155 17.70 3.35 32.31
N PRO A 156 17.97 2.73 31.15
CA PRO A 156 18.96 3.31 30.25
C PRO A 156 18.44 4.58 29.58
N ALA A 157 19.37 5.38 29.09
CA ALA A 157 19.02 6.64 28.44
C ALA A 157 18.17 6.39 27.20
N ARG A 158 17.17 7.25 27.00
CA ARG A 158 16.44 7.28 25.73
C ARG A 158 17.32 7.93 24.67
N LEU A 159 17.09 7.57 23.41
CA LEU A 159 17.83 8.17 22.29
C LEU A 159 16.96 9.17 21.53
N ILE A 160 17.58 10.28 21.15
CA ILE A 160 16.97 11.32 20.32
C ILE A 160 17.74 11.37 19.00
N VAL A 161 16.99 11.38 17.90
CA VAL A 161 17.55 11.47 16.55
C VAL A 161 16.95 12.65 15.80
N PHE A 162 17.82 13.57 15.39
CA PHE A 162 17.38 14.84 14.77
C PHE A 162 18.28 15.36 13.65
N PRO A 163 17.69 16.03 12.64
CA PRO A 163 18.46 16.63 11.58
C PRO A 163 18.89 18.04 11.93
N ASP A 164 19.66 18.64 11.05
CA ASP A 164 20.21 19.99 11.26
C ASP A 164 19.12 21.05 11.32
N LEU A 165 19.43 22.14 12.01
CA LEU A 165 18.52 23.29 12.20
C LEU A 165 17.85 23.76 10.91
N GLY A 166 18.65 23.91 9.86
CA GLY A 166 18.17 24.35 8.55
C GLY A 166 17.04 23.48 8.04
N VAL A 167 17.23 22.17 8.18
CA VAL A 167 16.22 21.19 7.77
C VAL A 167 14.96 21.32 8.64
N ARG A 168 15.19 21.51 9.94
CA ARG A 168 14.08 21.58 10.91
C ARG A 168 13.17 22.76 10.61
N VAL A 169 13.75 23.87 10.20
CA VAL A 169 13.00 25.04 9.76
C VAL A 169 12.19 24.74 8.49
N CYS A 170 12.80 24.01 7.57
CA CYS A 170 12.14 23.60 6.33
C CYS A 170 10.96 22.66 6.60
N GLU A 171 11.12 21.79 7.60
CA GLU A 171 10.04 20.87 8.02
C GLU A 171 8.80 21.67 8.41
N LYS A 172 9.04 22.75 9.16
CA LYS A 172 7.95 23.62 9.61
C LYS A 172 7.24 24.24 8.42
N MET A 173 8.03 24.70 7.46
CA MET A 173 7.49 25.37 6.27
C MET A 173 6.53 24.44 5.53
N ALA A 174 6.99 23.21 5.31
CA ALA A 174 6.23 22.19 4.57
C ALA A 174 5.07 21.56 5.35
N LEU A 175 5.26 21.36 6.65
CA LEU A 175 4.40 20.43 7.41
C LEU A 175 3.76 20.93 8.70
N TYR A 176 4.11 22.12 9.15
CA TYR A 176 3.59 22.61 10.44
C TYR A 176 2.07 22.71 10.45
N ASP A 177 1.53 23.32 9.40
CA ASP A 177 0.09 23.49 9.27
C ASP A 177 -0.58 22.11 9.17
N VAL A 178 0.07 21.21 8.45
CA VAL A 178 -0.44 19.83 8.29
C VAL A 178 -0.52 19.05 9.61
N VAL A 179 0.58 19.01 10.35
CA VAL A 179 0.63 18.23 11.60
C VAL A 179 -0.22 18.88 12.70
N SER A 180 -0.51 20.16 12.53
CA SER A 180 -1.38 20.92 13.45
C SER A 180 -2.87 20.71 13.23
N THR A 181 -3.27 20.50 11.97
CA THR A 181 -4.70 20.46 11.61
C THR A 181 -5.25 19.07 11.25
N LEU A 182 -4.43 18.28 10.56
CA LEU A 182 -4.87 16.98 9.98
C LEU A 182 -5.34 15.92 11.00
N PRO A 183 -4.60 15.73 12.10
CA PRO A 183 -4.93 14.67 13.05
C PRO A 183 -6.36 14.78 13.61
N GLN A 184 -6.78 16.00 13.93
CA GLN A 184 -8.13 16.21 14.48
C GLN A 184 -9.22 15.92 13.42
N VAL A 185 -8.92 16.25 12.18
CA VAL A 185 -9.87 15.98 11.09
C VAL A 185 -9.99 14.48 10.85
N VAL A 186 -8.86 13.79 10.87
CA VAL A 186 -8.84 12.36 10.55
C VAL A 186 -9.38 11.48 11.68
N MET A 187 -9.05 11.84 12.92
CA MET A 187 -9.33 11.01 14.10
C MET A 187 -10.48 11.53 14.98
N GLY A 188 -10.97 12.72 14.64
CA GLY A 188 -12.04 13.37 15.39
C GLY A 188 -11.75 13.47 16.89
N SER A 189 -12.71 13.00 17.67
CA SER A 189 -12.65 13.11 19.14
C SER A 189 -11.60 12.18 19.76
N SER A 190 -11.11 11.24 18.96
CA SER A 190 -10.06 10.30 19.40
C SER A 190 -8.68 10.94 19.54
N TYR A 191 -8.49 12.09 18.90
CA TYR A 191 -7.19 12.80 18.94
C TYR A 191 -7.00 13.54 20.27
N GLY A 192 -6.10 13.02 21.09
CA GLY A 192 -5.94 13.45 22.48
C GLY A 192 -5.35 14.82 22.73
N PHE A 193 -4.52 15.30 21.80
CA PHE A 193 -3.82 16.59 21.97
C PHE A 193 -4.72 17.82 21.82
N GLN A 194 -5.97 17.61 21.41
CA GLN A 194 -6.91 18.73 21.23
C GLN A 194 -7.53 19.22 22.55
N TYR A 195 -7.44 18.39 23.59
CA TYR A 195 -8.07 18.67 24.88
C TYR A 195 -7.11 19.29 25.89
N SER A 196 -7.63 20.26 26.64
CA SER A 196 -7.05 20.61 27.94
C SER A 196 -7.29 19.40 28.85
N PRO A 197 -6.60 19.33 30.00
CA PRO A 197 -6.84 18.21 30.91
C PRO A 197 -8.27 18.17 31.42
N GLY A 198 -8.86 19.36 31.58
CA GLY A 198 -10.24 19.49 32.03
C GLY A 198 -11.23 18.91 31.03
N GLN A 199 -11.00 19.26 29.76
CA GLN A 199 -11.83 18.78 28.65
C GLN A 199 -11.65 17.28 28.46
N ARG A 200 -10.43 16.82 28.68
CA ARG A 200 -10.11 15.40 28.54
C ARG A 200 -10.91 14.58 29.54
N VAL A 201 -10.84 14.98 30.80
CA VAL A 201 -11.54 14.26 31.88
C VAL A 201 -13.04 14.16 31.59
N GLU A 202 -13.60 15.27 31.11
CA GLU A 202 -15.02 15.33 30.76
C GLU A 202 -15.33 14.39 29.60
N PHE A 203 -14.43 14.34 28.61
CA PHE A 203 -14.60 13.46 27.45
C PHE A 203 -14.55 11.98 27.85
N LEU A 204 -13.57 11.64 28.67
CA LEU A 204 -13.38 10.26 29.13
C LEU A 204 -14.57 9.78 29.96
N VAL A 205 -15.06 10.65 30.84
CA VAL A 205 -16.21 10.34 31.70
C VAL A 205 -17.48 10.11 30.85
N ASN A 206 -17.75 11.05 29.95
CA ASN A 206 -18.90 10.96 29.04
C ASN A 206 -18.86 9.74 28.14
N THR A 207 -17.66 9.39 27.69
CA THR A 207 -17.42 8.23 26.84
C THR A 207 -17.72 6.94 27.60
N TRP A 208 -17.22 6.90 28.83
CA TRP A 208 -17.42 5.75 29.71
C TRP A 208 -18.92 5.53 29.95
N LYS A 209 -19.60 6.62 30.24
CA LYS A 209 -21.06 6.59 30.53
C LYS A 209 -21.90 6.26 29.30
N SER A 210 -21.37 6.57 28.12
CA SER A 210 -22.09 6.34 26.84
C SER A 210 -22.23 4.86 26.48
N LYS A 211 -21.51 4.00 27.19
CA LYS A 211 -21.62 2.56 26.98
C LYS A 211 -22.60 1.98 27.98
N LYS A 212 -23.38 1.00 27.54
CA LYS A 212 -24.32 0.30 28.41
C LYS A 212 -23.57 -0.46 29.50
N ASN A 213 -22.65 -1.32 29.06
CA ASN A 213 -21.76 -2.04 29.97
C ASN A 213 -20.29 -1.75 29.59
N PRO A 214 -19.72 -0.66 30.14
CA PRO A 214 -18.41 -0.24 29.67
C PRO A 214 -17.27 -1.15 30.07
N MET A 215 -16.34 -1.29 29.14
CA MET A 215 -15.04 -1.90 29.38
C MET A 215 -13.96 -1.09 28.68
N GLY A 216 -12.82 -0.98 29.34
CA GLY A 216 -11.69 -0.25 28.78
C GLY A 216 -10.37 -0.91 29.06
N PHE A 217 -9.38 -0.57 28.24
CA PHE A 217 -8.01 -1.03 28.47
C PHE A 217 -6.99 -0.09 27.85
N SER A 218 -5.83 -0.01 28.49
CA SER A 218 -4.68 0.67 27.90
C SER A 218 -3.89 -0.36 27.12
N TYR A 219 -3.24 0.10 26.06
CA TYR A 219 -2.36 -0.75 25.25
C TYR A 219 -1.06 -0.01 24.98
N ASP A 220 0.01 -0.50 25.56
CA ASP A 220 1.32 0.14 25.44
C ASP A 220 2.23 -0.71 24.60
N THR A 221 2.52 -0.22 23.40
CA THR A 221 3.43 -0.89 22.48
C THR A 221 4.85 -0.80 22.99
N ARG A 222 5.55 -1.94 22.94
CA ARG A 222 6.96 -1.99 23.28
C ARG A 222 7.80 -1.23 22.24
N CYS A 223 8.53 -0.21 22.69
CA CYS A 223 9.46 0.56 21.85
C CYS A 223 8.81 1.00 20.54
N PHE A 224 7.74 1.77 20.65
CA PHE A 224 6.89 2.12 19.49
C PHE A 224 7.68 2.65 18.28
N ASP A 225 8.60 3.57 18.55
CA ASP A 225 9.39 4.21 17.49
C ASP A 225 10.09 3.16 16.64
N SER A 226 10.62 2.14 17.31
CA SER A 226 11.32 1.04 16.63
C SER A 226 10.38 0.14 15.82
N THR A 227 9.12 0.04 16.24
CA THR A 227 8.14 -0.82 15.56
C THR A 227 7.64 -0.21 14.25
N VAL A 228 7.86 1.09 14.10
CA VAL A 228 7.45 1.83 12.89
C VAL A 228 8.33 1.49 11.69
N THR A 229 7.71 0.90 10.68
CA THR A 229 8.40 0.44 9.48
C THR A 229 8.36 1.45 8.34
N GLU A 230 9.08 1.11 7.27
CA GLU A 230 9.09 1.92 6.04
C GLU A 230 7.68 2.08 5.48
N ASN A 231 6.96 0.96 5.41
CA ASN A 231 5.55 0.95 5.02
C ASN A 231 4.74 2.02 5.75
N ASP A 232 4.84 1.99 7.07
CA ASP A 232 4.10 2.91 7.96
C ASP A 232 4.39 4.38 7.63
N ILE A 233 5.66 4.67 7.39
CA ILE A 233 6.10 6.04 7.12
C ILE A 233 5.63 6.49 5.72
N ARG A 234 5.59 5.56 4.77
CA ARG A 234 5.06 5.82 3.43
C ARG A 234 3.55 6.01 3.47
N VAL A 235 2.88 5.16 4.25
CA VAL A 235 1.43 5.27 4.46
C VAL A 235 1.06 6.60 5.10
N GLU A 236 1.83 7.02 6.11
CA GLU A 236 1.68 8.37 6.68
C GLU A 236 1.77 9.45 5.61
N GLU A 237 2.75 9.31 4.73
CA GLU A 237 2.94 10.30 3.66
C GLU A 237 1.72 10.36 2.74
N SER A 238 1.22 9.20 2.36
CA SER A 238 0.04 9.14 1.45
C SER A 238 -1.15 9.86 2.09
N ILE A 239 -1.23 9.78 3.41
CA ILE A 239 -2.27 10.49 4.16
C ILE A 239 -2.07 12.01 4.04
N TYR A 240 -0.85 12.46 4.28
CA TYR A 240 -0.51 13.90 4.15
C TYR A 240 -0.80 14.41 2.74
N GLN A 241 -0.51 13.55 1.76
CA GLN A 241 -0.64 13.92 0.35
C GLN A 241 -2.10 14.01 -0.11
N CYS A 242 -3.03 13.48 0.70
CA CYS A 242 -4.48 13.67 0.46
C CYS A 242 -4.93 15.12 0.64
N CYS A 243 -4.19 15.87 1.44
CA CYS A 243 -4.52 17.28 1.69
C CYS A 243 -4.47 18.12 0.43
N ASP A 244 -5.27 19.18 0.43
CA ASP A 244 -5.14 20.27 -0.53
C ASP A 244 -3.88 21.04 -0.14
N LEU A 245 -2.88 20.98 -1.02
CA LEU A 245 -1.55 21.55 -0.76
C LEU A 245 -1.03 22.38 -1.92
N ALA A 246 -0.20 23.37 -1.61
CA ALA A 246 0.63 24.03 -2.64
C ALA A 246 1.58 22.97 -3.24
N PRO A 247 1.80 23.00 -4.57
CA PRO A 247 2.67 22.01 -5.22
C PRO A 247 4.07 21.94 -4.64
N GLU A 248 4.59 23.10 -4.27
CA GLU A 248 5.90 23.19 -3.63
C GLU A 248 5.93 22.38 -2.30
N ALA A 249 4.83 22.45 -1.57
CA ALA A 249 4.67 21.68 -0.33
C ALA A 249 4.61 20.18 -0.59
N ARG A 250 3.91 19.76 -1.64
CA ARG A 250 3.82 18.33 -1.99
C ARG A 250 5.19 17.74 -2.23
N GLN A 251 5.99 18.47 -3.00
CA GLN A 251 7.33 18.04 -3.37
C GLN A 251 8.21 17.93 -2.13
N ALA A 252 8.15 18.96 -1.29
CA ALA A 252 8.95 19.02 -0.05
C ALA A 252 8.61 17.86 0.88
N ILE A 253 7.32 17.57 1.01
CA ILE A 253 6.84 16.50 1.89
C ILE A 253 7.30 15.14 1.39
N LYS A 254 7.18 14.94 0.08
CA LYS A 254 7.68 13.73 -0.58
C LYS A 254 9.19 13.59 -0.33
N SER A 255 9.91 14.67 -0.60
CA SER A 255 11.36 14.69 -0.43
C SER A 255 11.77 14.39 1.02
N LEU A 256 11.15 15.10 1.95
CA LEU A 256 11.43 14.90 3.38
C LEU A 256 11.16 13.47 3.81
N THR A 257 10.13 12.86 3.23
CA THR A 257 9.76 11.47 3.52
C THR A 257 10.83 10.49 3.03
N GLU A 258 11.21 10.62 1.77
CA GLU A 258 12.19 9.71 1.17
C GLU A 258 13.56 9.83 1.82
N ARG A 259 13.92 11.07 2.17
CA ARG A 259 15.29 11.41 2.54
C ARG A 259 15.55 11.42 4.05
N LEU A 260 14.49 11.63 4.82
CA LEU A 260 14.62 11.84 6.27
C LEU A 260 13.72 10.91 7.09
N TYR A 261 12.42 10.96 6.82
CA TYR A 261 11.45 10.26 7.68
C TYR A 261 11.57 8.74 7.62
N ILE A 262 11.75 8.21 6.42
CA ILE A 262 11.84 6.75 6.24
C ILE A 262 13.09 6.19 6.91
N GLY A 263 14.17 6.95 6.85
CA GLY A 263 15.43 6.49 7.42
C GLY A 263 16.60 7.35 7.03
N GLY A 264 17.77 6.97 7.54
CA GLY A 264 19.00 7.67 7.19
C GLY A 264 20.16 7.36 8.11
N PRO A 265 21.36 7.89 7.77
CA PRO A 265 22.55 7.63 8.57
C PRO A 265 22.50 8.37 9.88
N LEU A 266 23.15 7.78 10.87
CA LEU A 266 23.23 8.33 12.22
C LEU A 266 24.64 8.74 12.53
N THR A 267 24.79 10.01 12.90
CA THR A 267 26.09 10.60 13.22
C THR A 267 26.14 11.08 14.66
N ASN A 268 27.20 10.72 15.37
CA ASN A 268 27.35 11.17 16.78
C ASN A 268 27.83 12.62 16.87
N SER A 269 27.92 13.13 18.10
CA SER A 269 28.25 14.54 18.36
C SER A 269 29.65 14.90 17.91
N LYS A 270 30.54 13.92 17.91
CA LYS A 270 31.93 14.10 17.48
C LYS A 270 32.11 13.99 15.96
N GLY A 271 31.01 13.64 15.28
CA GLY A 271 30.96 13.61 13.82
C GLY A 271 31.22 12.25 13.19
N GLN A 272 31.19 11.20 14.01
CA GLN A 272 31.43 9.83 13.54
C GLN A 272 30.13 9.11 13.17
N ASN A 273 30.22 8.26 12.16
CA ASN A 273 29.09 7.46 11.71
C ASN A 273 28.78 6.33 12.69
N CYS A 274 27.63 6.45 13.34
CA CYS A 274 27.17 5.45 14.33
C CYS A 274 26.40 4.29 13.73
N GLY A 275 25.82 4.50 12.55
CA GLY A 275 25.04 3.48 11.89
C GLY A 275 23.91 4.00 11.03
N TYR A 276 22.84 3.21 10.96
CA TYR A 276 21.71 3.51 10.08
C TYR A 276 20.34 3.24 10.71
N ARG A 277 19.42 4.18 10.47
CA ARG A 277 18.04 4.11 10.98
C ARG A 277 17.04 3.69 9.90
N ARG A 278 16.16 2.74 10.26
CA ARG A 278 15.06 2.28 9.38
C ARG A 278 13.70 2.34 10.09
N CYS A 279 13.58 3.27 11.03
CA CYS A 279 12.39 3.40 11.85
C CYS A 279 12.14 4.87 12.15
N ARG A 280 11.16 5.12 13.01
CA ARG A 280 10.80 6.50 13.35
C ARG A 280 11.97 7.24 14.01
N ALA A 281 12.22 8.44 13.50
CA ALA A 281 13.13 9.38 14.13
C ALA A 281 12.38 10.12 15.24
N SER A 282 12.92 10.10 16.45
CA SER A 282 12.26 10.72 17.61
C SER A 282 12.26 12.25 17.55
N GLY A 283 13.19 12.81 16.79
CA GLY A 283 13.43 14.26 16.79
C GLY A 283 13.10 14.99 15.52
N VAL A 284 12.01 14.60 14.88
CA VAL A 284 11.45 15.32 13.72
C VAL A 284 10.04 15.86 13.97
N LEU A 285 9.64 16.79 13.11
CA LEU A 285 8.38 17.52 13.29
C LEU A 285 7.17 16.58 13.26
N THR A 286 7.28 15.55 12.43
CA THR A 286 6.20 14.59 12.20
C THR A 286 6.14 13.45 13.22
N THR A 287 7.05 13.44 14.19
CA THR A 287 7.11 12.31 15.13
C THR A 287 5.76 12.08 15.84
N SER A 288 5.20 13.14 16.37
CA SER A 288 3.98 13.05 17.19
C SER A 288 2.77 12.68 16.33
N CYS A 289 2.60 13.43 15.24
CA CYS A 289 1.50 13.23 14.30
C CYS A 289 1.54 11.85 13.65
N GLY A 290 2.73 11.48 13.19
CA GLY A 290 2.94 10.19 12.54
C GLY A 290 2.65 9.01 13.46
N ASN A 291 3.21 9.05 14.66
CA ASN A 291 2.93 8.01 15.66
C ASN A 291 1.43 7.91 15.96
N THR A 292 0.80 9.07 16.07
CA THR A 292 -0.62 9.13 16.40
C THR A 292 -1.48 8.50 15.31
N LEU A 293 -1.22 8.87 14.07
CA LEU A 293 -1.95 8.31 12.93
C LEU A 293 -1.74 6.81 12.84
N THR A 294 -0.47 6.40 12.93
CA THR A 294 -0.11 5.00 12.78
C THR A 294 -0.71 4.14 13.89
N CYS A 295 -0.68 4.65 15.11
CA CYS A 295 -1.27 3.95 16.26
C CYS A 295 -2.79 3.83 16.11
N TYR A 296 -3.41 4.90 15.64
CA TYR A 296 -4.85 4.94 15.39
C TYR A 296 -5.27 3.93 14.32
N LEU A 297 -4.54 3.96 13.21
CA LEU A 297 -4.75 3.02 12.08
C LEU A 297 -4.69 1.56 12.53
N LYS A 298 -3.57 1.20 13.16
CA LYS A 298 -3.34 -0.19 13.58
C LYS A 298 -4.39 -0.64 14.62
N ALA A 299 -4.67 0.24 15.58
CA ALA A 299 -5.60 -0.04 16.68
C ALA A 299 -7.05 -0.18 16.25
N SER A 300 -7.49 0.75 15.41
CA SER A 300 -8.84 0.69 14.85
C SER A 300 -9.05 -0.60 14.04
N ALA A 301 -8.05 -0.93 13.23
CA ALA A 301 -8.08 -2.17 12.44
C ALA A 301 -8.14 -3.39 13.37
N ALA A 302 -7.34 -3.35 14.43
CA ALA A 302 -7.28 -4.41 15.43
C ALA A 302 -8.61 -4.58 16.17
N CYS A 303 -9.29 -3.48 16.45
CA CYS A 303 -10.62 -3.51 17.06
C CYS A 303 -11.60 -4.30 16.20
N ARG A 304 -11.51 -4.09 14.89
CA ARG A 304 -12.41 -4.77 13.94
C ARG A 304 -12.10 -6.25 13.89
N ALA A 305 -10.80 -6.57 13.83
CA ALA A 305 -10.33 -7.95 13.83
C ALA A 305 -10.80 -8.72 15.07
N ALA A 306 -10.79 -8.04 16.21
CA ALA A 306 -11.17 -8.62 17.50
C ALA A 306 -12.67 -8.56 17.77
N LYS A 307 -13.40 -7.93 16.86
CA LYS A 307 -14.86 -7.85 16.93
C LYS A 307 -15.36 -7.13 18.19
N LEU A 308 -14.58 -6.16 18.65
CA LEU A 308 -15.00 -5.32 19.78
C LEU A 308 -16.14 -4.40 19.35
N GLN A 309 -17.17 -4.33 20.17
CA GLN A 309 -18.39 -3.57 19.84
C GLN A 309 -18.35 -2.14 20.37
N ASP A 310 -18.73 -1.20 19.51
CA ASP A 310 -18.84 0.22 19.84
C ASP A 310 -17.54 0.74 20.46
N CYS A 311 -16.46 0.49 19.74
CA CYS A 311 -15.13 0.97 20.14
C CYS A 311 -14.95 2.47 20.01
N THR A 312 -14.51 3.07 21.09
CA THR A 312 -14.01 4.44 21.08
C THR A 312 -12.52 4.41 21.41
N MET A 313 -11.74 4.96 20.51
CA MET A 313 -10.29 5.03 20.70
C MET A 313 -9.90 6.39 21.25
N LEU A 314 -8.91 6.38 22.14
CA LEU A 314 -8.18 7.59 22.48
C LEU A 314 -6.70 7.37 22.22
N VAL A 315 -6.17 8.22 21.35
CA VAL A 315 -4.79 8.10 20.89
C VAL A 315 -4.07 9.43 20.98
N ASN A 316 -2.88 9.41 21.56
CA ASN A 316 -1.92 10.52 21.45
C ASN A 316 -0.49 10.01 21.48
N GLY A 317 0.23 10.30 20.40
CA GLY A 317 1.52 9.67 20.16
C GLY A 317 1.34 8.17 20.10
N ASP A 318 2.18 7.46 20.85
CA ASP A 318 2.13 6.00 20.91
C ASP A 318 1.22 5.50 22.04
N ASP A 319 0.62 6.42 22.78
CA ASP A 319 -0.30 6.04 23.86
C ASP A 319 -1.71 5.80 23.36
N LEU A 320 -2.29 4.71 23.83
CA LEU A 320 -3.58 4.21 23.36
C LEU A 320 -4.46 3.68 24.49
N VAL A 321 -5.72 4.13 24.46
CA VAL A 321 -6.78 3.55 25.26
C VAL A 321 -8.02 3.30 24.39
N VAL A 322 -8.61 2.13 24.58
CA VAL A 322 -9.86 1.77 23.94
C VAL A 322 -10.93 1.59 25.00
N ILE A 323 -12.07 2.24 24.78
CA ILE A 323 -13.26 2.05 25.60
C ILE A 323 -14.39 1.54 24.71
N CYS A 324 -15.02 0.45 25.15
CA CYS A 324 -16.00 -0.24 24.33
C CYS A 324 -17.09 -0.95 25.15
N GLU A 325 -18.01 -1.57 24.42
CA GLU A 325 -19.10 -2.31 25.02
C GLU A 325 -18.62 -3.70 25.44
N SER A 326 -18.84 -4.02 26.71
CA SER A 326 -18.41 -5.31 27.24
C SER A 326 -19.32 -6.41 26.71
N ALA A 327 -18.70 -7.56 26.47
CA ALA A 327 -19.43 -8.77 26.07
C ALA A 327 -19.51 -9.76 27.23
N GLY A 328 -18.93 -9.36 28.37
CA GLY A 328 -18.72 -10.26 29.51
C GLY A 328 -17.25 -10.48 29.81
N VAL A 329 -16.94 -10.74 31.09
CA VAL A 329 -15.55 -10.83 31.57
C VAL A 329 -14.72 -11.84 30.77
N GLN A 330 -15.33 -12.98 30.46
CA GLN A 330 -14.63 -14.08 29.80
C GLN A 330 -14.39 -13.82 28.32
N GLU A 331 -15.40 -13.25 27.68
CA GLU A 331 -15.36 -12.93 26.25
C GLU A 331 -14.46 -11.73 26.01
N ASP A 332 -14.53 -10.75 26.91
CA ASP A 332 -13.68 -9.56 26.88
C ASP A 332 -12.20 -9.96 26.86
N ALA A 333 -11.83 -10.85 27.78
CA ALA A 333 -10.43 -11.29 27.89
C ALA A 333 -9.99 -11.96 26.60
N ALA A 334 -10.89 -12.75 26.01
CA ALA A 334 -10.64 -13.42 24.73
C ALA A 334 -10.42 -12.41 23.61
N SER A 335 -11.28 -11.39 23.58
CA SER A 335 -11.24 -10.38 22.51
C SER A 335 -9.93 -9.59 22.54
N LEU A 336 -9.41 -9.35 23.73
CA LEU A 336 -8.15 -8.58 23.91
C LEU A 336 -6.94 -9.35 23.40
N ARG A 337 -7.00 -10.67 23.54
CA ARG A 337 -5.95 -11.56 23.02
C ARG A 337 -5.91 -11.47 21.50
N VAL A 338 -7.10 -11.45 20.90
CA VAL A 338 -7.25 -11.28 19.44
C VAL A 338 -6.75 -9.89 19.02
N PHE A 339 -7.17 -8.87 19.77
CA PHE A 339 -6.74 -7.49 19.54
C PHE A 339 -5.21 -7.42 19.51
N THR A 340 -4.61 -8.01 20.53
CA THR A 340 -3.16 -8.06 20.67
C THR A 340 -2.48 -8.82 19.53
N GLU A 341 -3.10 -9.90 19.10
CA GLU A 341 -2.60 -10.69 17.97
C GLU A 341 -2.55 -9.86 16.69
N ALA A 342 -3.62 -9.10 16.46
CA ALA A 342 -3.69 -8.19 15.29
C ALA A 342 -2.64 -7.10 15.34
N MET A 343 -2.49 -6.47 16.50
CA MET A 343 -1.54 -5.36 16.68
C MET A 343 -0.12 -5.86 16.41
N THR A 344 0.16 -7.05 16.93
CA THR A 344 1.45 -7.72 16.74
C THR A 344 1.70 -8.03 15.28
N ARG A 345 0.67 -8.50 14.58
CA ARG A 345 0.74 -8.76 13.14
C ARG A 345 1.04 -7.46 12.40
N TYR A 346 0.44 -6.39 12.91
CA TYR A 346 0.62 -5.04 12.36
C TYR A 346 1.92 -4.46 12.86
N SER A 347 2.76 -5.32 13.42
CA SER A 347 4.07 -4.95 13.92
C SER A 347 4.16 -4.22 15.27
N ALA A 348 3.05 -4.09 16.00
CA ALA A 348 3.12 -3.41 17.32
C ALA A 348 2.69 -4.27 18.51
N PRO A 349 3.54 -5.20 18.93
CA PRO A 349 3.30 -6.03 20.10
C PRO A 349 3.43 -5.20 21.37
N PRO A 350 2.68 -5.58 22.42
CA PRO A 350 2.68 -4.83 23.66
C PRO A 350 3.90 -5.15 24.48
N GLY A 351 4.37 -4.20 25.27
CA GLY A 351 5.37 -4.49 26.30
C GLY A 351 4.74 -5.34 27.40
N ASP A 352 3.61 -4.87 27.91
CA ASP A 352 2.83 -5.57 28.92
C ASP A 352 1.48 -5.93 28.32
N PRO A 353 1.02 -7.18 28.51
CA PRO A 353 -0.26 -7.54 27.91
C PRO A 353 -1.42 -6.72 28.50
N PRO A 354 -2.36 -6.31 27.65
CA PRO A 354 -3.48 -5.49 28.08
C PRO A 354 -4.44 -6.23 29.01
N GLN A 355 -5.04 -5.46 29.89
CA GLN A 355 -5.98 -5.99 30.88
C GLN A 355 -7.28 -5.21 30.79
N PRO A 356 -8.42 -5.91 30.63
CA PRO A 356 -9.69 -5.19 30.64
C PRO A 356 -10.00 -4.65 32.03
N GLU A 357 -10.63 -3.48 32.05
CA GLU A 357 -11.00 -2.81 33.31
C GLU A 357 -12.45 -2.34 33.23
N TYR A 358 -13.14 -2.47 34.34
CA TYR A 358 -14.57 -2.17 34.43
C TYR A 358 -14.84 -0.98 35.34
N ASP A 359 -13.76 -0.27 35.66
CA ASP A 359 -13.80 1.01 36.36
C ASP A 359 -12.80 1.95 35.68
N LEU A 360 -13.30 3.10 35.27
CA LEU A 360 -12.52 4.09 34.52
C LEU A 360 -11.21 4.47 35.23
N GLU A 361 -11.32 4.63 36.53
CA GLU A 361 -10.21 5.10 37.38
C GLU A 361 -9.04 4.11 37.43
N LEU A 362 -9.31 2.84 37.12
CA LEU A 362 -8.28 1.80 37.15
C LEU A 362 -7.48 1.71 35.84
N ILE A 363 -7.83 2.54 34.87
CA ILE A 363 -7.08 2.60 33.60
C ILE A 363 -5.97 3.65 33.70
N THR A 364 -4.75 3.21 33.45
CA THR A 364 -3.59 4.10 33.41
C THR A 364 -3.07 4.29 31.98
N SER A 365 -2.90 5.55 31.61
CA SER A 365 -2.31 5.92 30.32
C SER A 365 -1.62 7.28 30.39
N CYS A 366 -0.48 7.39 29.74
CA CYS A 366 0.41 8.55 29.87
C CYS A 366 0.75 8.79 31.33
N SER A 367 0.95 7.68 32.05
CA SER A 367 1.26 7.68 33.49
C SER A 367 0.14 8.20 34.38
N SER A 368 -0.99 8.54 33.76
CA SER A 368 -2.10 9.19 34.44
C SER A 368 -3.32 8.31 34.58
N ASN A 369 -4.12 8.63 35.58
CA ASN A 369 -5.44 8.03 35.77
C ASN A 369 -6.47 9.08 36.16
N VAL A 370 -7.73 8.74 35.98
CA VAL A 370 -8.84 9.57 36.47
C VAL A 370 -9.10 9.25 37.93
N SER A 371 -9.35 10.30 38.71
CA SER A 371 -9.73 10.17 40.12
C SER A 371 -10.77 11.22 40.48
N VAL A 372 -11.25 11.16 41.71
CA VAL A 372 -12.32 12.06 42.14
C VAL A 372 -12.00 12.78 43.45
N ALA A 373 -12.35 14.06 43.44
CA ALA A 373 -12.37 14.87 44.64
C ALA A 373 -13.72 15.61 44.68
N HIS A 374 -13.87 16.50 45.65
CA HIS A 374 -15.08 17.32 45.75
C HIS A 374 -14.76 18.80 45.80
N ASP A 375 -15.61 19.59 45.15
CA ASP A 375 -15.47 21.05 45.11
C ASP A 375 -16.07 21.73 46.35
N ALA A 376 -16.12 23.07 46.32
CA ALA A 376 -16.58 23.87 47.46
C ALA A 376 -18.00 23.51 47.88
N SER A 377 -18.85 23.22 46.90
CA SER A 377 -20.27 22.89 47.13
C SER A 377 -20.52 21.43 47.55
N GLY A 378 -19.45 20.64 47.55
CA GLY A 378 -19.54 19.20 47.88
C GLY A 378 -19.72 18.31 46.67
N LYS A 379 -19.96 18.93 45.52
CA LYS A 379 -20.19 18.22 44.25
C LYS A 379 -18.94 17.48 43.77
N ARG A 380 -19.14 16.23 43.35
CA ARG A 380 -18.05 15.42 42.78
C ARG A 380 -17.39 16.10 41.59
N VAL A 381 -16.08 16.23 41.66
CA VAL A 381 -15.28 16.68 40.52
C VAL A 381 -14.27 15.60 40.15
N TYR A 382 -14.22 15.32 38.85
CA TYR A 382 -13.22 14.39 38.30
C TYR A 382 -12.01 15.17 37.83
N TYR A 383 -10.84 14.56 37.99
CA TYR A 383 -9.59 15.20 37.58
C TYR A 383 -8.55 14.18 37.20
N LEU A 384 -7.52 14.64 36.50
CA LEU A 384 -6.40 13.79 36.11
C LEU A 384 -5.25 13.92 37.09
N THR A 385 -4.78 12.76 37.55
CA THR A 385 -3.62 12.68 38.43
C THR A 385 -2.60 11.67 37.92
N ARG A 386 -1.52 11.51 38.67
CA ARG A 386 -0.52 10.48 38.39
C ARG A 386 0.29 10.18 39.63
N ASP A 387 1.07 9.13 39.54
CA ASP A 387 2.11 8.84 40.53
C ASP A 387 3.11 10.01 40.55
N PRO A 388 3.34 10.63 41.72
CA PRO A 388 4.15 11.83 41.77
C PRO A 388 5.64 11.57 41.91
N THR A 389 6.04 10.31 41.81
CA THR A 389 7.43 9.92 42.02
C THR A 389 8.39 10.68 41.10
N THR A 390 8.11 10.60 39.80
CA THR A 390 8.98 11.21 38.79
C THR A 390 8.95 12.75 38.83
N PRO A 391 7.76 13.35 38.94
CA PRO A 391 7.70 14.80 39.16
C PRO A 391 8.49 15.30 40.37
N LEU A 392 8.45 14.54 41.46
CA LEU A 392 9.15 14.93 42.68
C LEU A 392 10.67 14.76 42.56
N ALA A 393 11.07 13.66 41.94
CA ALA A 393 12.49 13.42 41.63
C ALA A 393 13.07 14.57 40.81
N ARG A 394 12.33 14.97 39.78
CA ARG A 394 12.77 16.04 38.87
C ARG A 394 12.77 17.42 39.54
N ALA A 395 11.73 17.66 40.33
CA ALA A 395 11.65 18.87 41.16
C ALA A 395 12.87 19.00 42.06
N ALA A 396 13.32 17.88 42.61
CA ALA A 396 14.50 17.83 43.47
C ALA A 396 15.75 18.26 42.71
N TRP A 397 15.88 17.74 41.49
CA TRP A 397 17.01 18.09 40.60
C TRP A 397 16.98 19.58 40.27
N GLU A 398 15.79 20.06 39.93
CA GLU A 398 15.56 21.46 39.53
C GLU A 398 15.74 22.44 40.70
N THR A 399 15.62 21.93 41.92
CA THR A 399 15.86 22.73 43.13
C THR A 399 17.35 23.12 43.26
N ALA A 400 18.23 22.22 42.86
CA ALA A 400 19.69 22.42 42.95
C ALA A 400 20.32 22.89 41.64
N ARG A 401 19.63 22.64 40.53
CA ARG A 401 20.16 22.95 39.18
C ARG A 401 19.15 23.69 38.31
N HIS A 402 19.62 24.73 37.62
CA HIS A 402 18.82 25.37 36.57
C HIS A 402 18.85 24.48 35.34
N THR A 403 17.67 24.18 34.79
CA THR A 403 17.55 23.30 33.62
C THR A 403 16.87 23.99 32.43
N PRO A 404 17.12 23.49 31.20
CA PRO A 404 16.49 24.05 30.00
C PRO A 404 14.97 24.02 30.07
N VAL A 405 14.44 22.92 30.59
CA VAL A 405 12.99 22.77 30.80
C VAL A 405 12.68 22.65 32.29
N ASN A 406 11.75 23.48 32.75
CA ASN A 406 11.31 23.48 34.15
C ASN A 406 10.09 22.59 34.32
N SER A 407 10.36 21.32 34.62
CA SER A 407 9.29 20.31 34.73
C SER A 407 8.27 20.67 35.79
N TRP A 408 8.77 21.22 36.91
CA TRP A 408 7.92 21.56 38.05
C TRP A 408 6.78 22.51 37.65
N LEU A 409 7.10 23.44 36.77
CA LEU A 409 6.13 24.43 36.31
C LEU A 409 5.08 23.79 35.39
N GLY A 410 5.56 22.94 34.49
CA GLY A 410 4.69 22.21 33.57
C GLY A 410 3.78 21.26 34.33
N ASN A 411 4.32 20.64 35.36
CA ASN A 411 3.55 19.76 36.23
C ASN A 411 2.50 20.52 37.04
N ILE A 412 2.85 21.69 37.54
CA ILE A 412 1.89 22.51 38.28
C ILE A 412 0.74 22.91 37.35
N ILE A 413 1.09 23.24 36.12
CA ILE A 413 0.10 23.67 35.13
C ILE A 413 -0.85 22.52 34.76
N MET A 414 -0.27 21.39 34.36
CA MET A 414 -1.05 20.27 33.84
C MET A 414 -1.74 19.45 34.95
N TYR A 415 -1.17 19.46 36.14
CA TYR A 415 -1.72 18.69 37.27
C TYR A 415 -2.12 19.56 38.47
N ALA A 416 -2.53 20.79 38.20
CA ALA A 416 -2.93 21.77 39.23
C ALA A 416 -3.99 21.30 40.23
N PRO A 417 -4.97 20.49 39.80
CA PRO A 417 -6.00 20.02 40.74
C PRO A 417 -5.53 18.96 41.73
N THR A 418 -4.37 18.34 41.48
CA THR A 418 -3.91 17.24 42.32
C THR A 418 -3.42 17.71 43.68
N LEU A 419 -3.55 16.83 44.67
CA LEU A 419 -3.15 17.15 46.03
C LEU A 419 -1.64 17.34 46.12
N TRP A 420 -0.91 16.52 45.38
CA TRP A 420 0.56 16.57 45.38
C TRP A 420 1.14 17.83 44.71
N ALA A 421 0.54 18.27 43.63
CA ALA A 421 0.98 19.50 42.95
C ALA A 421 0.68 20.76 43.74
N ARG A 422 -0.46 20.78 44.41
CA ARG A 422 -0.87 21.94 45.20
C ARG A 422 -0.09 22.10 46.50
N MET A 423 0.02 21.00 47.26
CA MET A 423 0.66 21.01 48.58
C MET A 423 2.18 21.05 48.55
N ILE A 424 2.79 20.36 47.60
CA ILE A 424 4.25 20.25 47.55
C ILE A 424 4.88 21.16 46.49
N LEU A 425 4.52 20.95 45.23
CA LEU A 425 5.15 21.70 44.13
C LEU A 425 4.92 23.20 44.20
N MET A 426 3.67 23.61 44.41
CA MET A 426 3.35 25.03 44.50
C MET A 426 4.06 25.66 45.70
N THR A 427 3.98 24.98 46.83
CA THR A 427 4.52 25.50 48.08
C THR A 427 6.04 25.67 48.01
N HIS A 428 6.71 24.62 47.56
CA HIS A 428 8.16 24.59 47.47
C HIS A 428 8.73 25.61 46.49
N PHE A 429 8.18 25.66 45.28
CA PHE A 429 8.75 26.53 44.24
C PHE A 429 8.40 28.00 44.42
N PHE A 430 7.21 28.31 44.91
CA PHE A 430 6.88 29.70 45.22
C PHE A 430 7.76 30.24 46.34
N SER A 431 8.07 29.37 47.29
CA SER A 431 8.98 29.70 48.37
C SER A 431 10.35 30.10 47.81
N ILE A 432 10.82 29.31 46.86
CA ILE A 432 12.13 29.56 46.22
C ILE A 432 12.10 30.87 45.41
N LEU A 433 11.03 31.07 44.66
CA LEU A 433 10.86 32.28 43.84
C LEU A 433 10.81 33.56 44.69
N LEU A 434 10.12 33.46 45.82
CA LEU A 434 10.03 34.57 46.79
C LEU A 434 11.40 34.99 47.33
N ALA A 435 12.21 33.99 47.70
CA ALA A 435 13.51 34.23 48.32
C ALA A 435 14.50 34.89 47.36
N GLN A 436 14.38 34.55 46.08
CA GLN A 436 15.21 35.12 45.02
C GLN A 436 14.55 36.33 44.33
N GLU A 437 13.34 36.66 44.75
CA GLU A 437 12.53 37.72 44.12
C GLU A 437 12.44 37.52 42.60
N GLN A 438 12.13 36.29 42.21
CA GLN A 438 12.02 35.93 40.79
C GLN A 438 10.61 35.55 40.36
N LEU A 439 9.63 36.12 41.05
CA LEU A 439 8.22 35.86 40.74
C LEU A 439 7.84 36.30 39.32
N GLU A 440 8.42 37.41 38.87
CA GLU A 440 8.08 38.02 37.56
C GLU A 440 8.93 37.51 36.39
N LYS A 441 9.91 36.66 36.69
CA LYS A 441 10.80 36.14 35.65
C LYS A 441 10.16 34.98 34.88
N ALA A 442 10.05 35.15 33.57
CA ALA A 442 9.50 34.11 32.68
C ALA A 442 10.39 32.88 32.68
N LEU A 443 9.77 31.71 32.76
CA LEU A 443 10.49 30.43 32.73
C LEU A 443 10.02 29.55 31.57
N ASP A 444 10.95 28.79 31.02
CA ASP A 444 10.65 27.89 29.91
C ASP A 444 10.06 26.58 30.44
N CYS A 445 9.00 26.13 29.79
CA CYS A 445 8.45 24.79 30.07
C CYS A 445 7.73 24.16 28.89
N GLN A 446 7.44 22.87 29.06
CA GLN A 446 6.90 22.05 27.97
C GLN A 446 5.47 21.63 28.22
N ILE A 447 4.63 21.90 27.23
CA ILE A 447 3.24 21.44 27.21
C ILE A 447 2.94 20.71 25.91
N TYR A 448 2.66 19.43 26.04
CA TYR A 448 2.42 18.51 24.91
C TYR A 448 3.57 18.60 23.89
N GLY A 449 4.79 18.59 24.40
CA GLY A 449 6.00 18.58 23.56
C GLY A 449 6.44 19.96 23.05
N ALA A 450 5.55 20.93 23.09
CA ALA A 450 5.86 22.30 22.66
C ALA A 450 6.44 23.13 23.80
N CYS A 451 7.38 24.00 23.48
CA CYS A 451 8.02 24.85 24.49
C CYS A 451 7.30 26.19 24.65
N TYR A 452 7.06 26.56 25.90
CA TYR A 452 6.40 27.82 26.24
C TYR A 452 7.22 28.63 27.24
N SER A 453 7.11 29.95 27.12
CA SER A 453 7.69 30.86 28.11
C SER A 453 6.58 31.41 28.99
N ILE A 454 6.66 31.12 30.28
CA ILE A 454 5.57 31.38 31.21
C ILE A 454 6.03 32.09 32.48
N GLU A 455 5.32 33.16 32.82
CA GLU A 455 5.57 33.90 34.05
C GLU A 455 4.78 33.21 35.18
N PRO A 456 5.47 32.80 36.27
CA PRO A 456 4.80 32.14 37.38
C PRO A 456 3.61 32.91 37.95
N LEU A 457 3.70 34.23 37.94
CA LEU A 457 2.60 35.08 38.44
C LEU A 457 1.30 34.86 37.67
N ASP A 458 1.41 34.35 36.44
CA ASP A 458 0.21 34.08 35.61
C ASP A 458 -0.46 32.73 35.90
N LEU A 459 0.06 31.98 36.86
CA LEU A 459 -0.45 30.64 37.16
C LEU A 459 -1.95 30.57 37.49
N PRO A 460 -2.46 31.49 38.33
CA PRO A 460 -3.88 31.40 38.69
C PRO A 460 -4.82 31.53 37.49
N GLN A 461 -4.52 32.49 36.62
CA GLN A 461 -5.29 32.71 35.38
C GLN A 461 -5.23 31.49 34.47
N ILE A 462 -4.03 30.96 34.31
CA ILE A 462 -3.79 29.79 33.46
C ILE A 462 -4.56 28.57 34.01
N ILE A 463 -4.51 28.40 35.32
CA ILE A 463 -5.15 27.25 35.96
C ILE A 463 -6.69 27.32 35.86
N GLU A 464 -7.25 28.51 36.07
CA GLU A 464 -8.71 28.71 35.95
C GLU A 464 -9.21 28.29 34.56
N ARG A 465 -8.46 28.69 33.54
CA ARG A 465 -8.81 28.38 32.14
C ARG A 465 -8.71 26.90 31.84
N LEU A 466 -7.61 26.29 32.27
CA LEU A 466 -7.33 24.89 31.95
C LEU A 466 -8.15 23.89 32.75
N HIS A 467 -8.50 24.26 33.97
CA HIS A 467 -9.14 23.33 34.92
C HIS A 467 -10.45 23.84 35.55
N GLY A 468 -10.71 25.12 35.43
CA GLY A 468 -11.85 25.73 36.13
C GLY A 468 -11.50 26.17 37.54
N LEU A 469 -12.39 26.98 38.12
CA LEU A 469 -12.19 27.58 39.44
C LEU A 469 -12.10 26.51 40.53
N SER A 470 -12.70 25.35 40.27
CA SER A 470 -12.75 24.23 41.24
C SER A 470 -11.38 23.69 41.61
N ALA A 471 -10.39 23.91 40.74
CA ALA A 471 -8.99 23.49 41.00
C ALA A 471 -8.42 24.10 42.30
N PHE A 472 -8.94 25.26 42.67
CA PHE A 472 -8.45 25.99 43.85
C PHE A 472 -9.21 25.63 45.13
N SER A 473 -10.23 24.79 45.03
CA SER A 473 -11.03 24.43 46.21
C SER A 473 -11.30 22.94 46.38
N LEU A 474 -10.63 22.10 45.61
CA LEU A 474 -10.85 20.65 45.73
C LEU A 474 -10.42 20.14 47.09
N HIS A 475 -11.19 19.18 47.58
CA HIS A 475 -10.91 18.53 48.86
C HIS A 475 -11.56 17.15 48.87
N SER A 476 -11.43 16.44 50.00
CA SER A 476 -11.97 15.09 50.14
C SER A 476 -11.49 14.26 48.97
N TYR A 477 -10.18 14.22 48.83
CA TYR A 477 -9.53 13.36 47.86
C TYR A 477 -9.77 11.90 48.25
N SER A 478 -9.65 11.02 47.26
CA SER A 478 -9.92 9.60 47.48
C SER A 478 -8.79 8.95 48.31
N PRO A 479 -9.13 7.95 49.14
CA PRO A 479 -8.16 7.25 49.97
C PRO A 479 -7.02 6.60 49.19
N GLY A 480 -7.35 6.08 48.02
CA GLY A 480 -6.36 5.45 47.14
C GLY A 480 -5.33 6.45 46.65
N GLU A 481 -5.80 7.64 46.31
CA GLU A 481 -4.93 8.71 45.81
C GLU A 481 -4.05 9.25 46.95
N ILE A 482 -4.67 9.48 48.09
CA ILE A 482 -3.99 10.00 49.30
C ILE A 482 -2.88 9.05 49.75
N ASN A 483 -3.21 7.77 49.77
CA ASN A 483 -2.23 6.73 50.18
C ASN A 483 -1.08 6.58 49.19
N ARG A 484 -1.37 6.72 47.89
CA ARG A 484 -0.31 6.67 46.87
C ARG A 484 0.69 7.82 47.08
N VAL A 485 0.18 9.02 47.28
CA VAL A 485 1.03 10.19 47.54
C VAL A 485 1.87 10.01 48.79
N ALA A 486 1.22 9.59 49.88
CA ALA A 486 1.88 9.45 51.19
C ALA A 486 2.98 8.39 51.15
N SER A 487 2.67 7.29 50.49
CA SER A 487 3.65 6.21 50.28
C SER A 487 4.86 6.67 49.48
N CYS A 488 4.59 7.46 48.44
CA CYS A 488 5.66 8.04 47.62
C CYS A 488 6.55 8.98 48.45
N LEU A 489 5.92 9.77 49.30
CA LEU A 489 6.66 10.71 50.17
C LEU A 489 7.64 9.97 51.08
N ARG A 490 7.16 8.90 51.69
CA ARG A 490 8.01 8.08 52.58
C ARG A 490 9.17 7.47 51.81
N LYS A 491 8.86 6.98 50.62
CA LYS A 491 9.83 6.31 49.75
C LYS A 491 11.02 7.22 49.40
N LEU A 492 10.70 8.46 49.07
CA LEU A 492 11.70 9.43 48.64
C LEU A 492 12.30 10.25 49.81
N GLY A 493 11.73 10.09 51.00
CA GLY A 493 12.16 10.87 52.16
C GLY A 493 11.73 12.33 52.09
N VAL A 494 10.56 12.53 51.51
CA VAL A 494 9.92 13.85 51.44
C VAL A 494 9.14 14.08 52.73
N PRO A 495 9.18 15.29 53.30
CA PRO A 495 8.38 15.53 54.48
C PRO A 495 6.90 15.26 54.26
N PRO A 496 6.18 14.90 55.33
CA PRO A 496 4.77 14.58 55.20
C PRO A 496 3.90 15.80 54.93
N LEU A 497 2.70 15.55 54.43
CA LEU A 497 1.80 16.61 53.95
C LEU A 497 1.48 17.66 55.02
N ARG A 498 1.50 17.24 56.29
CA ARG A 498 1.26 18.16 57.40
C ARG A 498 2.30 19.27 57.44
N VAL A 499 3.56 18.93 57.15
CA VAL A 499 4.64 19.92 57.13
C VAL A 499 4.41 20.93 55.99
N TRP A 500 4.01 20.40 54.85
CA TRP A 500 3.74 21.22 53.66
C TRP A 500 2.60 22.21 53.90
N ARG A 501 1.61 21.78 54.66
CA ARG A 501 0.51 22.67 55.07
C ARG A 501 1.03 23.89 55.85
N HIS A 502 1.93 23.62 56.78
CA HIS A 502 2.56 24.66 57.60
C HIS A 502 3.38 25.63 56.75
N ARG A 503 4.15 25.08 55.83
CA ARG A 503 4.98 25.91 54.94
C ARG A 503 4.11 26.77 54.03
N ALA A 504 3.00 26.19 53.58
CA ALA A 504 2.08 26.84 52.65
C ALA A 504 1.46 28.08 53.29
N ARG A 505 1.16 27.99 54.57
CA ARG A 505 0.64 29.15 55.34
C ARG A 505 1.63 30.32 55.29
N SER A 506 2.91 30.01 55.51
CA SER A 506 3.97 31.01 55.45
C SER A 506 4.09 31.60 54.05
N VAL A 507 4.16 30.73 53.06
CA VAL A 507 4.27 31.15 51.65
C VAL A 507 3.08 31.99 51.23
N ARG A 508 1.88 31.55 51.61
CA ARG A 508 0.66 32.32 51.37
C ARG A 508 0.75 33.74 51.93
N ALA A 509 1.04 33.84 53.23
CA ALA A 509 1.14 35.14 53.91
C ALA A 509 2.16 36.05 53.24
N ARG A 510 3.29 35.47 52.86
CA ARG A 510 4.36 36.22 52.18
C ARG A 510 3.90 36.73 50.81
N LEU A 511 3.12 35.92 50.11
CA LEU A 511 2.58 36.32 48.79
C LEU A 511 1.59 37.49 48.91
N LEU A 512 0.73 37.42 49.92
CA LEU A 512 -0.28 38.45 50.17
C LEU A 512 0.36 39.80 50.50
N SER A 513 1.47 39.75 51.24
CA SER A 513 2.21 40.95 51.64
C SER A 513 2.84 41.69 50.47
N GLN A 514 3.13 40.96 49.39
CA GLN A 514 3.70 41.57 48.16
C GLN A 514 2.64 42.34 47.38
N GLY A 515 1.37 42.03 47.66
CA GLY A 515 0.24 42.60 46.92
C GLY A 515 0.21 42.21 45.45
N GLY A 516 -0.72 42.83 44.72
CA GLY A 516 -0.82 42.66 43.27
C GLY A 516 -0.98 41.23 42.80
N ARG A 517 -0.30 40.90 41.71
CA ARG A 517 -0.37 39.55 41.12
C ARG A 517 0.12 38.48 42.10
N ALA A 518 1.13 38.82 42.87
CA ALA A 518 1.65 37.91 43.90
C ALA A 518 0.57 37.60 44.92
N ALA A 519 -0.25 38.61 45.23
CA ALA A 519 -1.34 38.47 46.20
C ALA A 519 -2.39 37.50 45.68
N THR A 520 -2.73 37.65 44.41
CA THR A 520 -3.67 36.76 43.71
C THR A 520 -3.17 35.32 43.74
N CYS A 521 -1.88 35.12 43.52
CA CYS A 521 -1.27 33.78 43.64
C CYS A 521 -1.48 33.22 45.05
N GLY A 522 -1.21 34.04 46.05
CA GLY A 522 -1.40 33.63 47.45
C GLY A 522 -2.85 33.28 47.74
N LYS A 523 -3.76 34.12 47.23
CA LYS A 523 -5.20 33.97 47.46
C LYS A 523 -5.76 32.66 46.88
N TYR A 524 -5.46 32.43 45.59
CA TYR A 524 -6.07 31.33 44.84
C TYR A 524 -5.32 30.01 44.97
N LEU A 525 -4.00 30.08 44.84
CA LEU A 525 -3.17 28.87 44.82
C LEU A 525 -3.09 28.19 46.19
N PHE A 526 -3.19 28.98 47.25
CA PHE A 526 -2.99 28.47 48.61
C PHE A 526 -4.21 28.63 49.54
N ASN A 527 -5.38 28.85 48.95
CA ASN A 527 -6.64 28.90 49.71
C ASN A 527 -6.89 27.63 50.52
N TRP A 528 -6.40 26.50 50.00
CA TRP A 528 -6.47 25.21 50.69
C TRP A 528 -5.72 25.19 52.02
N ALA A 529 -4.77 26.09 52.19
CA ALA A 529 -3.89 26.10 53.35
C ALA A 529 -4.55 26.69 54.60
N VAL A 530 -5.57 27.52 54.40
CA VAL A 530 -6.25 28.20 55.51
C VAL A 530 -7.51 27.48 55.98
N LYS A 531 -7.88 27.76 57.23
CA LYS A 531 -9.08 27.19 57.84
C LYS A 531 -10.30 27.95 57.38
N THR A 532 -10.24 29.27 57.52
CA THR A 532 -11.32 30.17 57.12
C THR A 532 -11.09 30.61 55.68
N LYS A 533 -11.65 29.84 54.75
CA LYS A 533 -11.41 30.05 53.32
C LYS A 533 -11.97 31.38 52.81
N LEU A 534 -11.25 31.97 51.86
CA LEU A 534 -11.76 33.14 51.14
C LEU A 534 -12.68 32.69 50.01
N LYS A 535 -13.65 33.55 49.68
CA LYS A 535 -14.57 33.29 48.58
C LYS A 535 -13.85 33.55 47.25
N LEU A 536 -13.69 32.50 46.46
CA LEU A 536 -12.95 32.59 45.21
C LEU A 536 -13.89 32.89 44.06
N THR A 537 -13.56 33.97 43.34
CA THR A 537 -14.35 34.47 42.23
C THR A 537 -13.48 34.53 40.98
N PRO A 538 -14.12 34.67 39.80
CA PRO A 538 -13.33 34.74 38.58
C PRO A 538 -12.30 35.85 38.55
N ILE A 539 -11.20 35.56 37.85
CA ILE A 539 -10.08 36.50 37.65
C ILE A 539 -10.11 37.10 36.22
N PRO A 540 -10.03 38.44 36.11
CA PRO A 540 -10.11 39.08 34.81
C PRO A 540 -8.79 39.00 34.04
N GLY A 549 -3.10 28.86 20.68
CA GLY A 549 -3.23 27.42 20.42
C GLY A 549 -2.44 26.53 21.37
N TRP A 550 -2.82 26.56 22.64
CA TRP A 550 -2.22 25.68 23.64
C TRP A 550 -2.52 24.20 23.44
N PHE A 551 -3.75 23.90 23.03
CA PHE A 551 -4.16 22.51 22.89
C PHE A 551 -4.76 22.28 21.52
N VAL A 552 -3.89 22.32 20.53
CA VAL A 552 -4.26 21.98 19.18
C VAL A 552 -3.65 20.63 18.81
N ALA A 553 -2.33 20.52 18.97
CA ALA A 553 -1.59 19.33 18.53
C ALA A 553 -0.44 18.92 19.45
N GLY A 554 -0.01 17.67 19.25
CA GLY A 554 1.24 17.17 19.83
C GLY A 554 2.43 17.62 19.00
N TYR A 555 3.53 17.95 19.67
CA TYR A 555 4.76 18.39 19.00
C TYR A 555 6.04 17.77 19.56
N SER A 556 5.91 16.73 20.36
CA SER A 556 7.07 16.19 21.08
C SER A 556 8.20 15.76 20.13
N GLY A 557 9.38 16.30 20.41
CA GLY A 557 10.57 16.12 19.58
C GLY A 557 10.63 17.01 18.34
N GLY A 558 9.61 17.84 18.18
CA GLY A 558 9.43 18.63 16.95
C GLY A 558 9.96 20.05 16.95
N ASP A 559 10.71 20.42 17.99
CA ASP A 559 11.42 21.72 18.01
C ASP A 559 10.46 22.90 17.79
N ILE A 560 9.34 22.90 18.53
CA ILE A 560 8.33 23.97 18.44
C ILE A 560 8.29 24.87 19.68
N TYR A 561 8.12 26.17 19.44
CA TYR A 561 8.10 27.20 20.48
C TYR A 561 7.00 28.24 20.25
N HIS A 562 6.42 28.72 21.36
CA HIS A 562 5.44 29.83 21.37
C HIS A 562 5.62 30.74 22.58
N ALA A 563 5.46 32.05 22.38
CA ALA A 563 5.66 33.02 23.48
C ALA A 563 4.47 33.04 24.46
N SER B 1 -15.22 -8.03 0.50
CA SER B 1 -15.25 -7.42 -0.86
C SER B 1 -15.71 -8.46 -1.88
N MET B 2 -16.95 -8.32 -2.34
CA MET B 2 -17.54 -9.23 -3.34
C MET B 2 -17.11 -8.80 -4.74
N SER B 3 -16.65 -9.76 -5.53
CA SER B 3 -16.21 -9.51 -6.91
C SER B 3 -17.32 -8.86 -7.74
N TYR B 4 -18.54 -9.31 -7.50
CA TYR B 4 -19.74 -8.79 -8.16
C TYR B 4 -20.94 -8.75 -7.23
N THR B 5 -21.80 -7.76 -7.49
CA THR B 5 -23.17 -7.71 -6.95
C THR B 5 -24.13 -7.68 -8.14
N TRP B 6 -25.22 -8.41 -8.04
CA TRP B 6 -26.17 -8.56 -9.14
C TRP B 6 -27.56 -8.06 -8.75
N THR B 7 -28.21 -7.37 -9.69
CA THR B 7 -29.62 -6.94 -9.53
C THR B 7 -30.59 -8.08 -9.84
N GLY B 8 -30.19 -8.96 -10.74
CA GLY B 8 -31.08 -10.02 -11.24
C GLY B 8 -31.55 -9.81 -12.68
N ALA B 9 -31.37 -8.60 -13.20
CA ALA B 9 -31.58 -8.36 -14.63
C ALA B 9 -30.66 -9.28 -15.42
N LEU B 10 -31.17 -9.82 -16.53
CA LEU B 10 -30.43 -10.82 -17.31
C LEU B 10 -29.34 -10.19 -18.16
N ILE B 11 -28.31 -10.99 -18.41
CA ILE B 11 -27.27 -10.65 -19.39
C ILE B 11 -27.82 -11.08 -20.74
N THR B 12 -28.02 -10.09 -21.60
CA THR B 12 -28.76 -10.27 -22.84
C THR B 12 -27.84 -10.22 -24.06
N PRO B 13 -28.22 -10.94 -25.13
CA PRO B 13 -27.46 -10.88 -26.37
C PRO B 13 -27.75 -9.61 -27.13
N CYS B 14 -26.82 -9.21 -27.99
CA CYS B 14 -27.00 -8.04 -28.87
C CYS B 14 -27.35 -8.46 -30.29
N ALA B 15 -27.41 -9.76 -30.53
CA ALA B 15 -27.77 -10.33 -31.82
C ALA B 15 -28.15 -11.81 -31.70
N ALA B 16 -28.53 -12.41 -32.82
CA ALA B 16 -28.90 -13.84 -32.86
C ALA B 16 -27.73 -14.72 -32.45
N GLU B 17 -27.99 -15.68 -31.58
CA GLU B 17 -26.96 -16.59 -31.08
C GLU B 17 -27.21 -18.04 -31.49
N GLU B 18 -26.18 -18.63 -32.08
CA GLU B 18 -26.18 -20.05 -32.44
C GLU B 18 -25.26 -20.84 -31.52
N SER B 19 -25.79 -21.94 -31.01
CA SER B 19 -25.03 -22.84 -30.13
C SER B 19 -24.63 -24.13 -30.84
N LYS B 20 -25.45 -24.56 -31.78
CA LYS B 20 -25.24 -25.80 -32.53
C LYS B 20 -24.38 -25.55 -33.77
N LEU B 21 -23.46 -26.47 -34.03
CA LEU B 21 -22.54 -26.31 -35.16
C LEU B 21 -23.27 -26.25 -36.49
N PRO B 22 -23.09 -25.15 -37.24
CA PRO B 22 -23.66 -25.00 -38.57
C PRO B 22 -23.01 -25.98 -39.51
N ILE B 23 -23.83 -26.57 -40.37
CA ILE B 23 -23.37 -27.59 -41.29
C ILE B 23 -23.56 -27.12 -42.72
N ASN B 24 -22.50 -27.25 -43.51
CA ASN B 24 -22.60 -27.01 -44.96
C ASN B 24 -21.99 -28.17 -45.76
N ALA B 25 -21.84 -27.98 -47.07
CA ALA B 25 -21.34 -29.02 -47.97
C ALA B 25 -19.89 -29.42 -47.67
N LEU B 26 -19.13 -28.48 -47.11
CA LEU B 26 -17.73 -28.71 -46.71
C LEU B 26 -17.51 -29.38 -45.35
N SER B 27 -18.54 -29.39 -44.50
CA SER B 27 -18.37 -29.75 -43.09
C SER B 27 -17.85 -31.17 -42.88
N ASN B 28 -18.47 -32.12 -43.56
CA ASN B 28 -18.15 -33.54 -43.37
C ASN B 28 -16.72 -33.92 -43.76
N SER B 29 -16.19 -33.21 -44.73
CA SER B 29 -14.81 -33.41 -45.18
C SER B 29 -13.80 -33.12 -44.05
N LEU B 30 -14.15 -32.22 -43.15
CA LEU B 30 -13.31 -31.92 -41.96
C LEU B 30 -13.73 -32.71 -40.72
N LEU B 31 -15.02 -32.73 -40.41
CA LEU B 31 -15.51 -33.21 -39.10
C LEU B 31 -16.88 -33.87 -39.20
N ARG B 32 -16.98 -35.09 -38.66
CA ARG B 32 -18.21 -35.90 -38.75
C ARG B 32 -19.07 -35.88 -37.48
N HIS B 33 -18.44 -35.80 -36.31
CA HIS B 33 -19.16 -35.84 -35.03
C HIS B 33 -19.59 -34.44 -34.62
N HIS B 34 -20.57 -33.93 -35.36
CA HIS B 34 -21.02 -32.53 -35.29
C HIS B 34 -21.55 -32.16 -33.92
N ASN B 35 -22.18 -33.12 -33.25
CA ASN B 35 -22.82 -32.92 -31.94
C ASN B 35 -21.83 -32.67 -30.79
N MET B 36 -20.56 -32.96 -31.03
CA MET B 36 -19.52 -32.76 -30.00
C MET B 36 -19.02 -31.32 -29.96
N VAL B 37 -19.35 -30.56 -31.01
CA VAL B 37 -18.96 -29.15 -31.10
C VAL B 37 -20.13 -28.25 -30.75
N TYR B 38 -19.83 -27.22 -29.95
CA TYR B 38 -20.83 -26.25 -29.53
C TYR B 38 -20.25 -24.85 -29.38
N ALA B 39 -21.14 -23.86 -29.38
CA ALA B 39 -20.76 -22.48 -29.09
C ALA B 39 -21.48 -21.98 -27.84
N THR B 40 -20.75 -21.26 -26.98
CA THR B 40 -21.36 -20.67 -25.79
C THR B 40 -22.26 -19.50 -26.15
N THR B 41 -23.33 -19.33 -25.37
CA THR B 41 -24.28 -18.23 -25.56
C THR B 41 -24.67 -17.56 -24.24
N SER B 42 -25.45 -16.48 -24.34
CA SER B 42 -26.00 -15.79 -23.14
C SER B 42 -26.84 -16.70 -22.25
N ARG B 43 -27.45 -17.71 -22.85
CA ARG B 43 -28.27 -18.70 -22.10
C ARG B 43 -27.54 -19.27 -20.89
N SER B 44 -26.21 -19.35 -20.97
CA SER B 44 -25.41 -19.91 -19.86
C SER B 44 -24.78 -18.83 -18.96
N ALA B 45 -25.12 -17.56 -19.20
CA ALA B 45 -24.50 -16.43 -18.47
C ALA B 45 -24.71 -16.57 -16.97
N GLY B 46 -25.93 -16.97 -16.58
CA GLY B 46 -26.30 -17.16 -15.18
C GLY B 46 -25.36 -18.09 -14.44
N GLN B 47 -24.98 -19.18 -15.12
CA GLN B 47 -24.06 -20.17 -14.55
C GLN B 47 -22.67 -19.59 -14.30
N ARG B 48 -22.21 -18.76 -15.22
CA ARG B 48 -20.90 -18.08 -15.11
C ARG B 48 -20.93 -17.06 -13.98
N GLN B 49 -22.04 -16.34 -13.87
CA GLN B 49 -22.22 -15.31 -12.82
C GLN B 49 -21.95 -15.93 -11.44
N LYS B 50 -22.56 -17.08 -11.21
CA LYS B 50 -22.39 -17.82 -9.95
C LYS B 50 -20.91 -18.09 -9.69
N LYS B 51 -20.23 -18.58 -10.72
CA LYS B 51 -18.82 -18.98 -10.61
C LYS B 51 -17.90 -17.82 -10.26
N VAL B 52 -18.13 -16.69 -10.91
CA VAL B 52 -17.22 -15.53 -10.85
C VAL B 52 -17.51 -14.61 -9.66
N THR B 53 -18.58 -14.92 -8.95
CA THR B 53 -19.05 -14.11 -7.82
C THR B 53 -18.61 -14.70 -6.50
N PHE B 54 -17.63 -14.04 -5.86
CA PHE B 54 -17.17 -14.47 -4.53
C PHE B 54 -16.46 -13.37 -3.74
N ASP B 55 -16.29 -13.64 -2.45
CA ASP B 55 -15.62 -12.73 -1.52
C ASP B 55 -14.13 -12.90 -1.68
N ARG B 56 -13.41 -11.78 -1.69
CA ARG B 56 -11.93 -11.80 -1.72
C ARG B 56 -11.34 -11.27 -0.44
N LEU B 57 -10.51 -12.10 0.19
CA LEU B 57 -9.76 -11.71 1.39
C LEU B 57 -8.28 -11.62 1.04
N GLN B 58 -7.64 -10.56 1.49
CA GLN B 58 -6.23 -10.34 1.16
C GLN B 58 -5.35 -10.07 2.37
N VAL B 59 -4.26 -10.82 2.41
CA VAL B 59 -3.27 -10.70 3.48
C VAL B 59 -1.88 -10.50 2.86
N LEU B 60 -1.32 -9.33 3.08
CA LEU B 60 -0.10 -8.90 2.39
C LEU B 60 1.08 -8.78 3.35
N ASP B 61 2.11 -9.56 3.06
CA ASP B 61 3.33 -9.61 3.87
C ASP B 61 4.50 -8.85 3.25
N ASP B 62 5.65 -8.98 3.89
CA ASP B 62 6.87 -8.26 3.49
C ASP B 62 7.40 -8.72 2.15
N HIS B 63 7.28 -10.01 1.85
CA HIS B 63 7.70 -10.54 0.55
C HIS B 63 6.96 -9.84 -0.58
N TYR B 64 5.67 -9.66 -0.39
CA TYR B 64 4.82 -8.99 -1.40
C TYR B 64 5.30 -7.56 -1.59
N ARG B 65 5.51 -6.87 -0.48
CA ARG B 65 5.95 -5.47 -0.52
C ARG B 65 7.37 -5.29 -1.06
N ASP B 66 8.27 -6.21 -0.73
CA ASP B 66 9.67 -6.18 -1.22
C ASP B 66 9.70 -6.27 -2.75
N VAL B 67 8.93 -7.22 -3.28
CA VAL B 67 8.83 -7.41 -4.73
C VAL B 67 8.24 -6.18 -5.41
N LEU B 68 7.18 -5.65 -4.82
CA LEU B 68 6.53 -4.45 -5.37
C LEU B 68 7.53 -3.31 -5.51
N LYS B 69 8.32 -3.10 -4.45
CA LYS B 69 9.35 -2.05 -4.45
C LYS B 69 10.31 -2.22 -5.62
N GLU B 70 10.77 -3.44 -5.83
CA GLU B 70 11.66 -3.77 -6.93
C GLU B 70 11.03 -3.48 -8.28
N MET B 71 9.75 -3.82 -8.40
CA MET B 71 9.00 -3.62 -9.64
C MET B 71 8.87 -2.13 -9.95
N LYS B 72 8.59 -1.35 -8.91
CA LYS B 72 8.43 0.11 -9.03
C LYS B 72 9.73 0.82 -9.42
N ALA B 73 10.84 0.30 -8.90
CA ALA B 73 12.18 0.88 -9.19
C ALA B 73 12.51 0.71 -10.67
N LYS B 74 12.11 -0.41 -11.24
CA LYS B 74 12.30 -0.67 -12.69
C LYS B 74 11.34 0.18 -13.52
N ALA B 75 10.10 0.30 -13.03
CA ALA B 75 9.07 1.09 -13.70
C ALA B 75 9.48 2.57 -13.79
N SER B 76 10.26 3.02 -12.82
CA SER B 76 10.73 4.41 -12.76
C SER B 76 11.72 4.77 -13.86
N THR B 77 12.21 3.77 -14.59
CA THR B 77 13.10 4.00 -15.73
C THR B 77 12.31 4.16 -17.04
N VAL B 78 11.02 3.86 -16.98
CA VAL B 78 10.18 3.91 -18.17
C VAL B 78 9.70 5.33 -18.47
N LYS B 79 9.87 5.71 -19.73
CA LYS B 79 9.30 6.96 -20.25
C LYS B 79 8.25 6.62 -21.29
N ALA B 80 7.05 7.11 -21.04
CA ALA B 80 5.90 6.84 -21.91
C ALA B 80 5.35 8.13 -22.50
N LYS B 81 4.91 8.05 -23.75
CA LYS B 81 4.32 9.19 -24.45
C LYS B 81 2.80 9.13 -24.49
N LEU B 82 2.23 10.32 -24.55
CA LEU B 82 0.82 10.53 -24.79
C LEU B 82 0.56 10.36 -26.28
N LEU B 83 -0.36 9.46 -26.63
CA LEU B 83 -0.83 9.34 -28.02
C LEU B 83 -1.82 10.46 -28.32
N SER B 84 -1.70 11.01 -29.52
CA SER B 84 -2.72 11.93 -30.04
C SER B 84 -4.01 11.19 -30.32
N VAL B 85 -5.08 11.96 -30.50
CA VAL B 85 -6.40 11.38 -30.83
C VAL B 85 -6.31 10.55 -32.10
N GLU B 86 -5.69 11.14 -33.11
CA GLU B 86 -5.53 10.54 -34.43
C GLU B 86 -4.80 9.20 -34.36
N GLU B 87 -3.73 9.17 -33.58
CA GLU B 87 -2.95 7.94 -33.40
C GLU B 87 -3.79 6.86 -32.73
N ALA B 88 -4.49 7.26 -31.67
CA ALA B 88 -5.32 6.33 -30.89
C ALA B 88 -6.44 5.78 -31.78
N CYS B 89 -7.02 6.66 -32.58
CA CYS B 89 -8.08 6.31 -33.53
C CYS B 89 -7.66 5.23 -34.51
N LYS B 90 -6.43 5.33 -35.00
CA LYS B 90 -5.91 4.38 -36.00
C LYS B 90 -5.62 3.00 -35.42
N LEU B 91 -5.56 2.93 -34.09
CA LEU B 91 -5.37 1.65 -33.39
C LEU B 91 -6.70 0.92 -33.13
N THR B 92 -7.79 1.56 -33.51
CA THR B 92 -9.13 1.00 -33.30
C THR B 92 -9.49 -0.01 -34.40
N PRO B 93 -9.92 -1.24 -34.02
CA PRO B 93 -10.37 -2.23 -35.01
C PRO B 93 -11.59 -1.77 -35.80
N PRO B 94 -11.62 -2.04 -37.12
CA PRO B 94 -12.73 -1.68 -38.00
C PRO B 94 -14.09 -2.14 -37.48
N HIS B 95 -14.12 -3.32 -36.87
CA HIS B 95 -15.40 -3.90 -36.39
C HIS B 95 -15.58 -3.83 -34.86
N SER B 96 -14.87 -2.89 -34.24
CA SER B 96 -15.02 -2.64 -32.81
C SER B 96 -16.43 -2.10 -32.54
N ALA B 97 -16.99 -2.49 -31.41
CA ALA B 97 -18.36 -2.11 -31.04
C ALA B 97 -18.55 -0.59 -31.11
N LYS B 98 -19.64 -0.19 -31.74
CA LYS B 98 -19.95 1.23 -31.94
C LYS B 98 -20.28 1.95 -30.63
N SER B 99 -20.13 3.27 -30.66
CA SER B 99 -20.48 4.13 -29.52
C SER B 99 -22.00 4.25 -29.35
N LYS B 100 -22.41 4.47 -28.11
CA LYS B 100 -23.81 4.76 -27.80
C LYS B 100 -24.18 6.17 -28.22
N TYR B 101 -23.16 6.98 -28.54
CA TYR B 101 -23.33 8.41 -28.83
C TYR B 101 -23.26 8.74 -30.32
N GLY B 102 -23.76 7.82 -31.14
CA GLY B 102 -24.05 8.11 -32.56
C GLY B 102 -22.90 8.03 -33.54
N TYR B 103 -21.87 7.26 -33.21
CA TYR B 103 -20.78 6.97 -34.15
C TYR B 103 -20.19 5.58 -33.92
N GLY B 104 -19.47 5.09 -34.93
CA GLY B 104 -18.88 3.75 -34.89
C GLY B 104 -17.38 3.72 -35.11
N ALA B 105 -16.84 2.50 -35.21
CA ALA B 105 -15.39 2.29 -35.36
C ALA B 105 -14.81 2.88 -36.65
N LYS B 106 -15.59 2.82 -37.73
CA LYS B 106 -15.14 3.33 -39.03
C LYS B 106 -15.07 4.85 -39.04
N ASP B 107 -16.00 5.47 -38.31
CA ASP B 107 -16.02 6.93 -38.11
C ASP B 107 -14.79 7.37 -37.32
N VAL B 108 -14.46 6.58 -36.31
CA VAL B 108 -13.26 6.79 -35.49
C VAL B 108 -12.03 6.67 -36.38
N ARG B 109 -11.99 5.59 -37.14
CA ARG B 109 -10.84 5.32 -38.02
C ARG B 109 -10.66 6.35 -39.12
N ASN B 110 -11.77 6.98 -39.54
CA ASN B 110 -11.74 8.03 -40.58
C ASN B 110 -11.58 9.44 -40.04
N LEU B 111 -11.49 9.56 -38.71
CA LEU B 111 -11.31 10.83 -38.02
C LEU B 111 -12.49 11.78 -38.25
N SER B 112 -13.68 11.20 -38.40
CA SER B 112 -14.90 12.00 -38.57
C SER B 112 -15.05 12.95 -37.40
N SER B 113 -15.48 14.16 -37.69
CA SER B 113 -15.52 15.25 -36.70
C SER B 113 -16.42 14.94 -35.51
N ARG B 114 -17.53 14.26 -35.76
CA ARG B 114 -18.44 13.85 -34.68
C ARG B 114 -17.72 12.93 -33.69
N ALA B 115 -16.96 11.98 -34.24
CA ALA B 115 -16.18 11.03 -33.44
C ALA B 115 -15.09 11.72 -32.63
N VAL B 116 -14.27 12.51 -33.33
CA VAL B 116 -13.14 13.24 -32.71
C VAL B 116 -13.64 14.19 -31.61
N ASN B 117 -14.72 14.91 -31.90
CA ASN B 117 -15.31 15.88 -30.96
C ASN B 117 -15.76 15.22 -29.65
N HIS B 118 -16.41 14.07 -29.77
CA HIS B 118 -16.87 13.35 -28.58
C HIS B 118 -15.70 12.82 -27.77
N ILE B 119 -14.70 12.30 -28.47
CA ILE B 119 -13.47 11.77 -27.87
C ILE B 119 -12.76 12.85 -27.05
N HIS B 120 -12.65 14.05 -27.63
CA HIS B 120 -12.06 15.21 -26.91
C HIS B 120 -12.85 15.57 -25.65
N SER B 121 -14.18 15.45 -25.73
CA SER B 121 -15.05 15.75 -24.56
C SER B 121 -14.92 14.69 -23.47
N VAL B 122 -14.78 13.44 -23.86
CA VAL B 122 -14.54 12.35 -22.89
C VAL B 122 -13.18 12.58 -22.20
N TRP B 123 -12.18 12.97 -22.99
CA TRP B 123 -10.82 13.24 -22.47
C TRP B 123 -10.85 14.36 -21.44
N LYS B 124 -11.45 15.48 -21.83
CA LYS B 124 -11.60 16.65 -20.95
C LYS B 124 -12.28 16.23 -19.64
N ASP B 125 -13.34 15.44 -19.76
CA ASP B 125 -14.09 14.92 -18.59
C ASP B 125 -13.19 14.07 -17.67
N LEU B 126 -12.35 13.23 -18.26
CA LEU B 126 -11.40 12.44 -17.47
C LEU B 126 -10.45 13.32 -16.66
N LEU B 127 -10.00 14.40 -17.28
CA LEU B 127 -9.06 15.32 -16.64
C LEU B 127 -9.70 16.08 -15.47
N GLU B 128 -10.92 16.54 -15.70
CA GLU B 128 -11.73 17.28 -14.70
C GLU B 128 -12.41 16.48 -13.58
N ASP B 129 -12.82 15.24 -13.87
CA ASP B 129 -13.58 14.40 -12.94
C ASP B 129 -12.85 13.09 -12.63
N THR B 130 -12.46 12.91 -11.38
CA THR B 130 -11.75 11.68 -10.94
C THR B 130 -12.57 10.77 -10.02
N VAL B 131 -13.88 10.98 -9.95
CA VAL B 131 -14.71 10.21 -9.00
C VAL B 131 -15.92 9.47 -9.59
N THR B 132 -16.45 9.94 -10.71
CA THR B 132 -17.72 9.40 -11.23
C THR B 132 -17.49 8.09 -11.96
N PRO B 133 -18.07 7.00 -11.45
CA PRO B 133 -17.92 5.71 -12.09
C PRO B 133 -18.37 5.72 -13.54
N ILE B 134 -17.56 5.11 -14.39
CA ILE B 134 -17.85 5.06 -15.80
C ILE B 134 -18.65 3.80 -16.12
N ASP B 135 -19.66 3.97 -16.96
CA ASP B 135 -20.53 2.85 -17.34
C ASP B 135 -19.77 1.83 -18.18
N THR B 136 -20.16 0.58 -18.01
CA THR B 136 -19.68 -0.52 -18.81
C THR B 136 -20.83 -1.39 -19.30
N THR B 137 -20.59 -2.05 -20.42
CA THR B 137 -21.53 -3.04 -20.95
C THR B 137 -21.02 -4.42 -20.60
N ILE B 138 -21.93 -5.26 -20.12
CA ILE B 138 -21.62 -6.67 -19.88
C ILE B 138 -22.32 -7.55 -20.92
N MET B 139 -21.53 -8.43 -21.53
CA MET B 139 -22.00 -9.34 -22.58
C MET B 139 -21.50 -10.75 -22.34
N ALA B 140 -22.20 -11.71 -22.95
CA ALA B 140 -21.77 -13.09 -22.98
C ALA B 140 -20.93 -13.35 -24.23
N LYS B 141 -19.77 -13.99 -24.06
CA LYS B 141 -18.93 -14.35 -25.21
C LYS B 141 -19.47 -15.57 -25.94
N ASN B 142 -19.43 -15.48 -27.26
CA ASN B 142 -19.77 -16.61 -28.13
C ASN B 142 -18.47 -17.28 -28.61
N GLU B 143 -18.07 -18.31 -27.88
CA GLU B 143 -16.88 -19.09 -28.23
C GLU B 143 -17.19 -20.57 -28.47
N VAL B 144 -16.43 -21.17 -29.37
CA VAL B 144 -16.64 -22.57 -29.79
C VAL B 144 -15.69 -23.51 -29.03
N PHE B 145 -16.24 -24.63 -28.55
CA PHE B 145 -15.45 -25.70 -27.90
C PHE B 145 -15.91 -27.11 -28.29
N CYS B 146 -15.13 -28.11 -27.88
CA CYS B 146 -15.56 -29.51 -27.93
C CYS B 146 -16.06 -29.92 -26.55
N VAL B 147 -17.11 -30.74 -26.53
CA VAL B 147 -17.66 -31.23 -25.24
C VAL B 147 -16.62 -32.06 -24.50
N GLN B 148 -16.64 -31.95 -23.18
CA GLN B 148 -15.59 -32.52 -22.32
C GLN B 148 -16.03 -33.71 -21.47
N PRO B 149 -15.11 -34.21 -20.64
CA PRO B 149 -15.38 -35.28 -19.68
C PRO B 149 -16.31 -34.79 -18.57
N ARG B 154 -20.32 -29.20 -20.97
CA ARG B 154 -20.26 -27.89 -21.60
C ARG B 154 -19.85 -26.78 -20.63
N LYS B 155 -18.92 -25.96 -21.09
CA LYS B 155 -18.49 -24.76 -20.36
C LYS B 155 -19.54 -23.67 -20.50
N PRO B 156 -19.83 -22.92 -19.41
CA PRO B 156 -20.64 -21.73 -19.56
C PRO B 156 -19.88 -20.61 -20.26
N ALA B 157 -20.63 -19.66 -20.81
CA ALA B 157 -20.04 -18.53 -21.52
C ALA B 157 -19.15 -17.71 -20.61
N ARG B 158 -18.02 -17.26 -21.15
CA ARG B 158 -17.22 -16.24 -20.48
C ARG B 158 -17.93 -14.90 -20.57
N LEU B 159 -17.65 -14.01 -19.62
CA LEU B 159 -18.21 -12.66 -19.65
C LEU B 159 -17.16 -11.63 -20.05
N ILE B 160 -17.59 -10.69 -20.89
CA ILE B 160 -16.76 -9.57 -21.33
C ILE B 160 -17.41 -8.29 -20.79
N VAL B 161 -16.57 -7.45 -20.19
CA VAL B 161 -17.00 -6.16 -19.63
C VAL B 161 -16.17 -5.02 -20.21
N PHE B 162 -16.85 -4.09 -20.87
CA PHE B 162 -16.18 -3.00 -21.61
C PHE B 162 -16.91 -1.66 -21.57
N PRO B 163 -16.13 -0.56 -21.60
CA PRO B 163 -16.71 0.77 -21.66
C PRO B 163 -16.97 1.20 -23.08
N ASP B 164 -17.55 2.38 -23.23
CA ASP B 164 -17.91 2.92 -24.54
C ASP B 164 -16.67 3.22 -25.39
N LEU B 165 -16.88 3.20 -26.70
CA LEU B 165 -15.83 3.45 -27.71
C LEU B 165 -14.99 4.71 -27.43
N GLY B 166 -15.67 5.79 -27.10
CA GLY B 166 -15.02 7.05 -26.77
C GLY B 166 -13.99 6.91 -25.66
N VAL B 167 -14.38 6.19 -24.60
CA VAL B 167 -13.49 5.93 -23.47
C VAL B 167 -12.31 5.06 -23.92
N ARG B 168 -12.60 4.06 -24.74
CA ARG B 168 -11.59 3.10 -25.18
C ARG B 168 -10.48 3.80 -25.95
N VAL B 169 -10.87 4.78 -26.76
CA VAL B 169 -9.91 5.61 -27.49
C VAL B 169 -9.05 6.43 -26.52
N CYS B 170 -9.69 6.96 -25.49
CA CYS B 170 -8.98 7.73 -24.45
C CYS B 170 -7.98 6.87 -23.68
N GLU B 171 -8.35 5.62 -23.45
CA GLU B 171 -7.46 4.66 -22.78
C GLU B 171 -6.16 4.53 -23.56
N LYS B 172 -6.30 4.44 -24.87
CA LYS B 172 -5.13 4.30 -25.77
C LYS B 172 -4.24 5.53 -25.65
N MET B 173 -4.87 6.69 -25.64
CA MET B 173 -4.14 7.96 -25.57
C MET B 173 -3.26 8.00 -24.32
N ALA B 174 -3.87 7.67 -23.19
CA ALA B 174 -3.21 7.70 -21.89
C ALA B 174 -2.23 6.55 -21.63
N LEU B 175 -2.55 5.36 -22.12
CA LEU B 175 -1.91 4.12 -21.62
C LEU B 175 -1.32 3.16 -22.65
N TYR B 176 -1.55 3.39 -23.94
CA TYR B 176 -1.08 2.44 -24.96
C TYR B 176 0.44 2.24 -24.92
N ASP B 177 1.15 3.36 -24.87
CA ASP B 177 2.62 3.33 -24.83
C ASP B 177 3.09 2.66 -23.54
N VAL B 178 2.38 2.93 -22.46
CA VAL B 178 2.68 2.33 -21.14
C VAL B 178 2.53 0.81 -21.12
N VAL B 179 1.37 0.32 -21.54
CA VAL B 179 1.10 -1.13 -21.50
C VAL B 179 1.93 -1.90 -22.54
N SER B 180 2.43 -1.17 -23.53
CA SER B 180 3.32 -1.73 -24.56
C SER B 180 4.78 -1.86 -24.14
N THR B 181 5.26 -0.94 -23.31
CA THR B 181 6.69 -0.88 -22.95
C THR B 181 7.04 -1.31 -21.52
N LEU B 182 6.16 -0.99 -20.57
CA LEU B 182 6.44 -1.19 -19.13
C LEU B 182 6.65 -2.64 -18.67
N PRO B 183 5.81 -3.58 -19.13
CA PRO B 183 5.90 -4.95 -18.66
C PRO B 183 7.26 -5.60 -18.89
N GLN B 184 7.84 -5.35 -20.06
CA GLN B 184 9.15 -5.93 -20.39
C GLN B 184 10.25 -5.33 -19.52
N VAL B 185 10.12 -4.05 -19.21
CA VAL B 185 11.10 -3.38 -18.37
C VAL B 185 11.01 -3.91 -16.93
N VAL B 186 9.79 -4.11 -16.44
CA VAL B 186 9.58 -4.52 -15.05
C VAL B 186 9.89 -6.00 -14.81
N MET B 187 9.51 -6.84 -15.76
CA MET B 187 9.56 -8.31 -15.60
C MET B 187 10.69 -8.99 -16.38
N GLY B 188 11.39 -8.20 -17.19
CA GLY B 188 12.47 -8.70 -18.02
C GLY B 188 12.09 -9.89 -18.87
N SER B 189 12.89 -10.95 -18.77
CA SER B 189 12.73 -12.14 -19.58
C SER B 189 11.50 -12.97 -19.21
N SER B 190 10.93 -12.66 -18.04
CA SER B 190 9.72 -13.34 -17.57
C SER B 190 8.45 -12.96 -18.33
N TYR B 191 8.49 -11.82 -19.03
CA TYR B 191 7.32 -11.31 -19.77
C TYR B 191 7.15 -12.06 -21.08
N GLY B 192 6.11 -12.88 -21.13
CA GLY B 192 5.90 -13.83 -22.22
C GLY B 192 5.51 -13.30 -23.59
N PHE B 193 4.87 -12.14 -23.61
CA PHE B 193 4.36 -11.56 -24.87
C PHE B 193 5.46 -10.97 -25.76
N GLN B 194 6.70 -10.92 -25.26
CA GLN B 194 7.82 -10.36 -26.04
C GLN B 194 8.40 -11.34 -27.07
N TYR B 195 8.08 -12.62 -26.88
CA TYR B 195 8.65 -13.69 -27.71
C TYR B 195 7.73 -14.09 -28.85
N SER B 196 8.33 -14.33 -30.01
CA SER B 196 7.72 -15.20 -31.03
C SER B 196 7.69 -16.61 -30.43
N PRO B 197 6.90 -17.52 -31.02
CA PRO B 197 6.90 -18.89 -30.51
C PRO B 197 8.27 -19.55 -30.59
N GLY B 198 9.01 -19.20 -31.63
CA GLY B 198 10.36 -19.73 -31.83
C GLY B 198 11.32 -19.30 -30.73
N GLN B 199 11.24 -18.02 -30.39
CA GLN B 199 12.07 -17.42 -29.34
C GLN B 199 11.67 -17.97 -27.96
N ARG B 200 10.37 -18.18 -27.80
CA ARG B 200 9.85 -18.72 -26.55
C ARG B 200 10.43 -20.11 -26.27
N VAL B 201 10.32 -20.99 -27.27
CA VAL B 201 10.80 -22.37 -27.10
C VAL B 201 12.28 -22.39 -26.71
N GLU B 202 13.06 -21.54 -27.36
CA GLU B 202 14.49 -21.41 -27.08
C GLU B 202 14.72 -20.93 -25.65
N PHE B 203 13.91 -19.98 -25.20
CA PHE B 203 14.02 -19.44 -23.84
C PHE B 203 13.70 -20.50 -22.77
N LEU B 204 12.61 -21.22 -23.01
CA LEU B 204 12.16 -22.26 -22.08
C LEU B 204 13.17 -23.39 -21.95
N VAL B 205 13.72 -23.80 -23.10
CA VAL B 205 14.73 -24.86 -23.15
C VAL B 205 16.00 -24.45 -22.39
N ASN B 206 16.50 -23.26 -22.70
CA ASN B 206 17.69 -22.70 -22.03
C ASN B 206 17.52 -22.54 -20.52
N THR B 207 16.31 -22.14 -20.12
CA THR B 207 15.95 -21.95 -18.72
C THR B 207 15.95 -23.27 -17.98
N TRP B 208 15.36 -24.27 -18.62
CA TRP B 208 15.30 -25.61 -18.07
C TRP B 208 16.70 -26.17 -17.86
N LYS B 209 17.55 -25.99 -18.87
CA LYS B 209 18.94 -26.49 -18.85
C LYS B 209 19.81 -25.73 -17.83
N SER B 210 19.44 -24.49 -17.54
CA SER B 210 20.21 -23.63 -16.61
C SER B 210 20.13 -24.08 -15.16
N LYS B 211 19.22 -25.00 -14.86
CA LYS B 211 19.09 -25.56 -13.52
C LYS B 211 19.87 -26.86 -13.42
N LYS B 212 20.51 -27.09 -12.27
CA LYS B 212 21.24 -28.31 -12.00
C LYS B 212 20.27 -29.49 -12.00
N ASN B 213 19.25 -29.38 -11.14
CA ASN B 213 18.17 -30.37 -11.07
C ASN B 213 16.82 -29.69 -11.29
N PRO B 214 16.41 -29.53 -12.57
CA PRO B 214 15.24 -28.71 -12.83
C PRO B 214 13.92 -29.32 -12.39
N MET B 215 13.06 -28.44 -11.90
CA MET B 215 11.65 -28.73 -11.66
C MET B 215 10.81 -27.55 -12.11
N GLY B 216 9.65 -27.86 -12.66
CA GLY B 216 8.73 -26.84 -13.11
C GLY B 216 7.29 -27.18 -12.83
N PHE B 217 6.46 -26.15 -12.79
CA PHE B 217 5.02 -26.35 -12.66
C PHE B 217 4.24 -25.18 -13.23
N SER B 218 3.05 -25.49 -13.74
CA SER B 218 2.09 -24.47 -14.11
C SER B 218 1.22 -24.19 -12.92
N TYR B 219 0.77 -22.95 -12.81
CA TYR B 219 -0.16 -22.54 -11.75
C TYR B 219 -1.30 -21.74 -12.35
N ASP B 220 -2.49 -22.33 -12.33
CA ASP B 220 -3.66 -21.72 -12.93
C ASP B 220 -4.59 -21.24 -11.84
N THR B 221 -4.68 -19.93 -11.70
CA THR B 221 -5.59 -19.32 -10.74
C THR B 221 -7.02 -19.50 -11.21
N ARG B 222 -7.87 -19.91 -10.28
CA ARG B 222 -9.29 -20.02 -10.53
C ARG B 222 -9.89 -18.64 -10.76
N CYS B 223 -10.45 -18.43 -11.95
CA CYS B 223 -11.19 -17.21 -12.27
C CYS B 223 -10.38 -15.94 -11.90
N PHE B 224 -9.22 -15.81 -12.51
CA PHE B 224 -8.22 -14.79 -12.14
C PHE B 224 -8.80 -13.37 -12.07
N ASP B 225 -9.59 -13.02 -13.08
CA ASP B 225 -10.19 -11.68 -13.16
C ASP B 225 -10.96 -11.35 -11.89
N SER B 226 -11.70 -12.34 -11.39
CA SER B 226 -12.48 -12.18 -10.15
C SER B 226 -11.62 -12.07 -8.89
N THR B 227 -10.44 -12.67 -8.92
CA THR B 227 -9.53 -12.64 -7.76
C THR B 227 -8.83 -11.28 -7.60
N VAL B 228 -8.84 -10.49 -8.66
CA VAL B 228 -8.23 -9.16 -8.66
C VAL B 228 -9.03 -8.15 -7.83
N THR B 229 -8.42 -7.67 -6.76
CA THR B 229 -9.05 -6.76 -5.81
C THR B 229 -8.76 -5.29 -6.08
N GLU B 230 -9.42 -4.43 -5.32
CA GLU B 230 -9.22 -2.98 -5.41
C GLU B 230 -7.77 -2.63 -5.13
N ASN B 231 -7.21 -3.21 -4.07
CA ASN B 231 -5.79 -3.07 -3.77
C ASN B 231 -4.90 -3.31 -5.00
N ASP B 232 -5.12 -4.46 -5.63
CA ASP B 232 -4.32 -4.89 -6.80
C ASP B 232 -4.38 -3.85 -7.93
N ILE B 233 -5.56 -3.32 -8.18
CA ILE B 233 -5.77 -2.35 -9.24
C ILE B 233 -5.12 -0.99 -8.90
N ARG B 234 -5.13 -0.64 -7.61
CA ARG B 234 -4.45 0.57 -7.13
C ARG B 234 -2.93 0.40 -7.17
N VAL B 235 -2.48 -0.79 -6.78
CA VAL B 235 -1.04 -1.14 -6.86
C VAL B 235 -0.54 -1.09 -8.31
N GLU B 236 -1.32 -1.64 -9.23
CA GLU B 236 -1.04 -1.50 -10.67
C GLU B 236 -0.86 -0.04 -11.08
N GLU B 237 -1.76 0.80 -10.59
CA GLU B 237 -1.73 2.23 -10.93
C GLU B 237 -0.44 2.87 -10.42
N SER B 238 -0.08 2.58 -9.19
CA SER B 238 1.15 3.15 -8.59
C SER B 238 2.38 2.76 -9.42
N ILE B 239 2.34 1.57 -10.00
CA ILE B 239 3.40 1.11 -10.91
C ILE B 239 3.45 1.98 -12.17
N TYR B 240 2.28 2.17 -12.78
CA TYR B 240 2.17 3.03 -13.98
C TYR B 240 2.66 4.46 -13.68
N GLN B 241 2.33 4.93 -12.48
CA GLN B 241 2.63 6.31 -12.08
C GLN B 241 4.12 6.54 -11.81
N CYS B 242 4.89 5.44 -11.67
CA CYS B 242 6.36 5.52 -11.59
C CYS B 242 7.02 6.01 -12.89
N CYS B 243 6.32 5.80 -14.00
CA CYS B 243 6.84 6.22 -15.32
C CYS B 243 7.00 7.73 -15.43
N ASP B 244 7.93 8.12 -16.30
CA ASP B 244 8.02 9.50 -16.79
C ASP B 244 6.86 9.69 -17.75
N LEU B 245 5.94 10.58 -17.36
CA LEU B 245 4.68 10.80 -18.10
C LEU B 245 4.37 12.28 -18.31
N ALA B 246 3.65 12.57 -19.39
CA ALA B 246 3.01 13.88 -19.57
C ALA B 246 1.97 14.07 -18.45
N PRO B 247 1.86 15.28 -17.90
CA PRO B 247 0.94 15.51 -16.76
C PRO B 247 -0.51 15.16 -17.07
N GLU B 248 -0.94 15.46 -18.29
CA GLU B 248 -2.30 15.10 -18.73
C GLU B 248 -2.50 13.59 -18.66
N ALA B 249 -1.45 12.84 -19.00
CA ALA B 249 -1.47 11.38 -18.92
C ALA B 249 -1.59 10.87 -17.48
N ARG B 250 -0.86 11.50 -16.55
CA ARG B 250 -0.93 11.12 -15.12
C ARG B 250 -2.35 11.24 -14.59
N GLN B 251 -2.97 12.37 -14.91
CA GLN B 251 -4.31 12.68 -14.43
C GLN B 251 -5.29 11.68 -15.03
N ALA B 252 -5.17 11.45 -16.32
CA ALA B 252 -6.04 10.53 -17.06
C ALA B 252 -5.97 9.13 -16.48
N ILE B 253 -4.75 8.68 -16.21
CA ILE B 253 -4.51 7.32 -15.68
C ILE B 253 -5.13 7.18 -14.30
N LYS B 254 -4.92 8.20 -13.47
CA LYS B 254 -5.53 8.25 -12.13
C LYS B 254 -7.05 8.19 -12.26
N SER B 255 -7.58 9.04 -13.13
CA SER B 255 -9.02 9.13 -13.35
C SER B 255 -9.59 7.79 -13.84
N LEU B 256 -8.96 7.25 -14.87
CA LEU B 256 -9.37 5.96 -15.44
C LEU B 256 -9.36 4.85 -14.39
N THR B 257 -8.39 4.92 -13.49
CA THR B 257 -8.27 3.92 -12.41
C THR B 257 -9.42 4.03 -11.41
N GLU B 258 -9.68 5.24 -10.93
CA GLU B 258 -10.73 5.45 -9.93
C GLU B 258 -12.12 5.15 -10.49
N ARG B 259 -12.30 5.51 -11.75
CA ARG B 259 -13.64 5.56 -12.35
C ARG B 259 -14.02 4.31 -13.15
N LEU B 260 -13.00 3.59 -13.62
CA LEU B 260 -13.21 2.45 -14.54
C LEU B 260 -12.54 1.17 -14.08
N TYR B 261 -11.23 1.22 -13.88
CA TYR B 261 -10.45 -0.01 -13.61
C TYR B 261 -10.80 -0.66 -12.28
N ILE B 262 -10.95 0.14 -11.23
CA ILE B 262 -11.25 -0.42 -9.90
C ILE B 262 -12.62 -1.08 -9.87
N GLY B 263 -13.56 -0.49 -10.60
CA GLY B 263 -14.92 -1.01 -10.60
C GLY B 263 -15.90 -0.08 -11.24
N GLY B 264 -17.16 -0.52 -11.27
CA GLY B 264 -18.25 0.29 -11.81
C GLY B 264 -19.52 -0.48 -12.11
N PRO B 265 -20.58 0.24 -12.50
CA PRO B 265 -21.85 -0.40 -12.78
C PRO B 265 -21.81 -1.19 -14.08
N LEU B 266 -22.62 -2.23 -14.12
CA LEU B 266 -22.72 -3.13 -15.27
C LEU B 266 -24.08 -2.99 -15.92
N THR B 267 -24.06 -2.68 -17.21
CA THR B 267 -25.28 -2.48 -17.99
C THR B 267 -25.37 -3.50 -19.13
N ASN B 268 -26.53 -4.14 -19.28
CA ASN B 268 -26.72 -5.10 -20.38
C ASN B 268 -26.97 -4.41 -21.72
N SER B 269 -27.06 -5.22 -22.78
CA SER B 269 -27.19 -4.70 -24.16
C SER B 269 -28.48 -3.93 -24.38
N LYS B 270 -29.52 -4.29 -23.62
CA LYS B 270 -30.83 -3.63 -23.70
C LYS B 270 -30.91 -2.37 -22.85
N GLY B 271 -29.84 -2.11 -22.10
CA GLY B 271 -29.68 -0.86 -21.33
C GLY B 271 -30.09 -0.96 -19.87
N GLN B 272 -30.28 -2.18 -19.39
CA GLN B 272 -30.69 -2.41 -18.00
C GLN B 272 -29.49 -2.63 -17.08
N ASN B 273 -29.64 -2.15 -15.85
CA ASN B 273 -28.61 -2.29 -14.83
C ASN B 273 -28.55 -3.73 -14.31
N CYS B 274 -27.44 -4.39 -14.63
CA CYS B 274 -27.21 -5.78 -14.21
C CYS B 274 -26.58 -5.93 -12.84
N GLY B 275 -25.89 -4.88 -12.39
CA GLY B 275 -25.22 -4.92 -11.10
C GLY B 275 -23.96 -4.07 -11.01
N TYR B 276 -23.02 -4.56 -10.19
CA TYR B 276 -21.78 -3.82 -9.91
C TYR B 276 -20.52 -4.69 -9.88
N ARG B 277 -19.46 -4.17 -10.47
CA ARG B 277 -18.15 -4.84 -10.56
C ARG B 277 -17.13 -4.26 -9.57
N ARG B 278 -16.45 -5.15 -8.86
CA ARG B 278 -15.36 -4.79 -7.92
C ARG B 278 -14.07 -5.56 -8.21
N CYS B 279 -13.91 -5.95 -9.47
CA CYS B 279 -12.78 -6.77 -9.89
C CYS B 279 -12.31 -6.34 -11.28
N ARG B 280 -11.38 -7.10 -11.84
CA ARG B 280 -10.86 -6.79 -13.18
C ARG B 280 -11.94 -6.83 -14.25
N ALA B 281 -11.98 -5.76 -15.05
CA ALA B 281 -12.79 -5.72 -16.26
C ALA B 281 -12.03 -6.42 -17.38
N SER B 282 -12.66 -7.41 -18.01
CA SER B 282 -12.00 -8.20 -19.07
C SER B 282 -11.76 -7.41 -20.35
N GLY B 283 -12.52 -6.35 -20.54
CA GLY B 283 -12.55 -5.61 -21.81
C GLY B 283 -12.01 -4.20 -21.77
N VAL B 284 -10.94 -4.02 -21.00
CA VAL B 284 -10.19 -2.74 -20.99
C VAL B 284 -8.74 -2.90 -21.43
N LEU B 285 -8.11 -1.78 -21.77
CA LEU B 285 -6.79 -1.77 -22.38
C LEU B 285 -5.74 -2.38 -21.46
N THR B 286 -5.93 -2.14 -20.17
CA THR B 286 -4.99 -2.57 -19.14
C THR B 286 -5.19 -4.02 -18.68
N THR B 287 -6.18 -4.73 -19.22
CA THR B 287 -6.49 -6.07 -18.74
C THR B 287 -5.27 -6.99 -18.77
N SER B 288 -4.59 -7.02 -19.91
CA SER B 288 -3.48 -7.95 -20.12
C SER B 288 -2.26 -7.57 -19.27
N CYS B 289 -1.89 -6.30 -19.36
CA CYS B 289 -0.74 -5.75 -18.62
C CYS B 289 -0.94 -5.86 -17.12
N GLY B 290 -2.13 -5.47 -16.67
CA GLY B 290 -2.48 -5.50 -15.26
C GLY B 290 -2.46 -6.91 -14.68
N ASN B 291 -3.10 -7.83 -15.36
CA ASN B 291 -3.09 -9.25 -14.95
C ASN B 291 -1.66 -9.78 -14.88
N THR B 292 -0.86 -9.43 -15.88
CA THR B 292 0.52 -9.90 -15.97
C THR B 292 1.36 -9.40 -14.78
N LEU B 293 1.27 -8.10 -14.52
CA LEU B 293 1.99 -7.50 -13.38
C LEU B 293 1.57 -8.12 -12.07
N THR B 294 0.26 -8.19 -11.87
CA THR B 294 -0.31 -8.69 -10.62
C THR B 294 0.05 -10.15 -10.38
N CYS B 295 -0.02 -10.95 -11.44
CA CYS B 295 0.35 -12.36 -11.35
C CYS B 295 1.84 -12.53 -11.03
N TYR B 296 2.66 -11.70 -11.67
CA TYR B 296 4.11 -11.70 -11.44
C TYR B 296 4.45 -11.33 -9.99
N LEU B 297 3.84 -10.23 -9.54
CA LEU B 297 4.01 -9.75 -8.15
C LEU B 297 3.67 -10.83 -7.11
N LYS B 298 2.47 -11.37 -7.22
CA LYS B 298 1.99 -12.38 -6.26
C LYS B 298 2.84 -13.65 -6.28
N ALA B 299 3.17 -14.09 -7.49
CA ALA B 299 3.91 -15.34 -7.72
C ALA B 299 5.37 -15.26 -7.24
N SER B 300 6.03 -14.16 -7.57
CA SER B 300 7.40 -13.92 -7.11
C SER B 300 7.47 -13.90 -5.60
N ALA B 301 6.52 -13.21 -4.99
CA ALA B 301 6.42 -13.12 -3.53
C ALA B 301 6.21 -14.53 -2.95
N ALA B 302 5.33 -15.29 -3.59
CA ALA B 302 4.99 -16.64 -3.16
C ALA B 302 6.18 -17.59 -3.25
N CYS B 303 7.00 -17.40 -4.29
CA CYS B 303 8.25 -18.16 -4.43
C CYS B 303 9.16 -17.95 -3.23
N ARG B 304 9.24 -16.70 -2.77
CA ARG B 304 10.10 -16.35 -1.64
C ARG B 304 9.56 -16.95 -0.36
N ALA B 305 8.24 -16.85 -0.17
CA ALA B 305 7.55 -17.45 0.97
C ALA B 305 7.75 -18.97 1.06
N ALA B 306 7.73 -19.61 -0.10
CA ALA B 306 7.88 -21.07 -0.22
C ALA B 306 9.35 -21.51 -0.24
N LYS B 307 10.26 -20.54 -0.27
CA LYS B 307 11.71 -20.81 -0.21
C LYS B 307 12.19 -21.64 -1.40
N LEU B 308 11.54 -21.47 -2.55
CA LEU B 308 11.97 -22.12 -3.79
C LEU B 308 13.28 -21.49 -4.25
N GLN B 309 14.23 -22.33 -4.62
CA GLN B 309 15.57 -21.89 -5.00
C GLN B 309 15.71 -21.63 -6.49
N ASP B 310 16.32 -20.50 -6.82
CA ASP B 310 16.63 -20.12 -8.20
C ASP B 310 15.39 -20.19 -9.09
N CYS B 311 14.34 -19.51 -8.63
CA CYS B 311 13.09 -19.39 -9.37
C CYS B 311 13.19 -18.52 -10.61
N THR B 312 12.76 -19.09 -11.73
CA THR B 312 12.50 -18.33 -12.94
C THR B 312 11.01 -18.37 -13.22
N MET B 313 10.42 -17.18 -13.33
CA MET B 313 8.99 -17.07 -13.62
C MET B 313 8.77 -16.81 -15.11
N LEU B 314 7.71 -17.42 -15.63
CA LEU B 314 7.16 -17.02 -16.92
C LEU B 314 5.69 -16.66 -16.76
N VAL B 315 5.39 -15.42 -17.10
CA VAL B 315 4.05 -14.87 -16.92
C VAL B 315 3.55 -14.20 -18.19
N ASN B 316 2.32 -14.54 -18.58
CA ASN B 316 1.57 -13.75 -19.57
C ASN B 316 0.08 -13.80 -19.29
N GLY B 317 -0.49 -12.63 -19.05
CA GLY B 317 -1.83 -12.53 -18.50
C GLY B 317 -1.88 -13.23 -17.17
N ASP B 318 -2.88 -14.09 -17.01
CA ASP B 318 -3.06 -14.85 -15.78
C ASP B 318 -2.35 -16.19 -15.82
N ASP B 319 -1.69 -16.48 -16.93
CA ASP B 319 -0.95 -17.73 -17.07
C ASP B 319 0.45 -17.62 -16.47
N LEU B 320 0.79 -18.66 -15.72
CA LEU B 320 2.02 -18.69 -14.93
C LEU B 320 2.70 -20.05 -14.97
N VAL B 321 4.00 -20.01 -15.22
CA VAL B 321 4.89 -21.16 -15.02
C VAL B 321 6.13 -20.73 -14.24
N VAL B 322 6.49 -21.56 -13.28
CA VAL B 322 7.72 -21.39 -12.52
C VAL B 322 8.65 -22.56 -12.80
N ILE B 323 9.89 -22.24 -13.13
CA ILE B 323 10.95 -23.25 -13.25
C ILE B 323 12.04 -22.92 -12.24
N CYS B 324 12.43 -23.94 -11.47
CA CYS B 324 13.35 -23.75 -10.36
C CYS B 324 14.20 -24.97 -10.04
N GLU B 325 15.05 -24.84 -9.02
CA GLU B 325 15.88 -25.96 -8.55
C GLU B 325 15.08 -26.93 -7.69
N SER B 326 15.15 -28.20 -8.03
CA SER B 326 14.48 -29.26 -7.28
C SER B 326 15.18 -29.59 -5.96
N ALA B 327 14.37 -29.92 -4.96
CA ALA B 327 14.83 -30.39 -3.65
C ALA B 327 14.46 -31.86 -3.45
N GLY B 328 14.00 -32.50 -4.51
CA GLY B 328 13.53 -33.89 -4.44
C GLY B 328 12.02 -33.95 -4.56
N VAL B 329 11.52 -35.07 -5.08
CA VAL B 329 10.08 -35.23 -5.37
C VAL B 329 9.18 -34.91 -4.17
N GLN B 330 9.58 -35.41 -3.01
CA GLN B 330 8.76 -35.32 -1.80
C GLN B 330 8.79 -33.91 -1.21
N GLU B 331 9.97 -33.31 -1.24
CA GLU B 331 10.17 -31.96 -0.70
C GLU B 331 9.57 -30.91 -1.64
N ASP B 332 9.72 -31.16 -2.94
CA ASP B 332 9.13 -30.31 -3.98
C ASP B 332 7.63 -30.18 -3.79
N ALA B 333 6.97 -31.32 -3.56
CA ALA B 333 5.52 -31.36 -3.36
C ALA B 333 5.12 -30.51 -2.17
N ALA B 334 5.92 -30.60 -1.11
CA ALA B 334 5.73 -29.79 0.11
C ALA B 334 5.85 -28.29 -0.19
N SER B 335 6.87 -27.94 -0.96
CA SER B 335 7.14 -26.53 -1.32
C SER B 335 6.00 -25.90 -2.10
N LEU B 336 5.40 -26.68 -2.99
CA LEU B 336 4.30 -26.20 -3.84
C LEU B 336 3.04 -25.93 -3.04
N ARG B 337 2.85 -26.71 -1.98
CA ARG B 337 1.73 -26.51 -1.05
C ARG B 337 1.88 -25.16 -0.36
N VAL B 338 3.11 -24.85 0.04
CA VAL B 338 3.43 -23.56 0.66
C VAL B 338 3.24 -22.42 -0.34
N PHE B 339 3.75 -22.63 -1.55
CA PHE B 339 3.59 -21.66 -2.65
C PHE B 339 2.10 -21.34 -2.84
N THR B 340 1.31 -22.40 -2.91
CA THR B 340 -0.14 -22.30 -3.10
C THR B 340 -0.82 -21.59 -1.93
N GLU B 341 -0.35 -21.85 -0.72
CA GLU B 341 -0.87 -21.18 0.48
C GLU B 341 -0.66 -19.66 0.41
N ALA B 342 0.54 -19.28 -0.02
CA ALA B 342 0.90 -17.86 -0.19
C ALA B 342 0.04 -17.17 -1.26
N MET B 343 -0.11 -17.84 -2.39
CA MET B 343 -0.89 -17.29 -3.52
C MET B 343 -2.34 -17.08 -3.10
N THR B 344 -2.86 -18.06 -2.35
CA THR B 344 -4.22 -18.00 -1.79
C THR B 344 -4.37 -16.85 -0.80
N ARG B 345 -3.36 -16.64 0.03
CA ARG B 345 -3.33 -15.50 0.98
C ARG B 345 -3.34 -14.19 0.19
N TYR B 346 -2.63 -14.21 -0.93
CA TYR B 346 -2.54 -13.07 -1.83
C TYR B 346 -3.78 -13.00 -2.70
N SER B 347 -4.79 -13.77 -2.32
CA SER B 347 -6.07 -13.80 -3.01
C SER B 347 -6.15 -14.61 -4.33
N ALA B 348 -5.12 -15.34 -4.71
CA ALA B 348 -5.23 -16.15 -5.95
C ALA B 348 -5.05 -17.67 -5.78
N PRO B 349 -6.09 -18.33 -5.25
CA PRO B 349 -6.08 -19.78 -5.10
C PRO B 349 -6.22 -20.46 -6.47
N PRO B 350 -5.64 -21.67 -6.60
CA PRO B 350 -5.63 -22.36 -7.87
C PRO B 350 -6.96 -23.03 -8.12
N GLY B 351 -7.34 -23.18 -9.38
CA GLY B 351 -8.46 -24.04 -9.74
C GLY B 351 -8.09 -25.49 -9.49
N ASP B 352 -6.96 -25.89 -10.08
CA ASP B 352 -6.42 -27.23 -9.93
C ASP B 352 -5.09 -27.10 -9.20
N PRO B 353 -4.86 -27.96 -8.19
CA PRO B 353 -3.61 -27.80 -7.46
C PRO B 353 -2.41 -28.08 -8.37
N PRO B 354 -1.34 -27.28 -8.23
CA PRO B 354 -0.16 -27.44 -9.06
C PRO B 354 0.56 -28.77 -8.83
N GLN B 355 1.17 -29.25 -9.90
CA GLN B 355 1.90 -30.51 -9.89
C GLN B 355 3.32 -30.27 -10.39
N PRO B 356 4.32 -30.66 -9.60
CA PRO B 356 5.68 -30.55 -10.08
C PRO B 356 5.96 -31.51 -11.23
N GLU B 357 6.78 -31.06 -12.17
CA GLU B 357 7.17 -31.86 -13.34
C GLU B 357 8.68 -31.81 -13.54
N TYR B 358 9.24 -32.95 -13.94
CA TYR B 358 10.70 -33.10 -14.07
C TYR B 358 11.11 -33.34 -15.51
N ASP B 359 10.16 -33.09 -16.39
CA ASP B 359 10.37 -33.10 -17.84
C ASP B 359 9.63 -31.90 -18.40
N LEU B 360 10.37 -31.06 -19.12
CA LEU B 360 9.85 -29.79 -19.65
C LEU B 360 8.59 -30.00 -20.47
N GLU B 361 8.61 -31.05 -21.27
CA GLU B 361 7.53 -31.36 -22.23
C GLU B 361 6.20 -31.69 -21.54
N LEU B 362 6.27 -32.10 -20.27
CA LEU B 362 5.05 -32.46 -19.50
C LEU B 362 4.37 -31.25 -18.84
N ILE B 363 4.97 -30.07 -19.01
CA ILE B 363 4.37 -28.84 -18.49
C ILE B 363 3.45 -28.22 -19.53
N THR B 364 2.20 -28.01 -19.13
CA THR B 364 1.22 -27.37 -19.99
C THR B 364 0.86 -25.98 -19.47
N SER B 365 0.94 -25.00 -20.37
CA SER B 365 0.51 -23.63 -20.07
C SER B 365 0.07 -22.92 -21.34
N CYS B 366 -1.01 -22.14 -21.22
CA CYS B 366 -1.69 -21.53 -22.36
C CYS B 366 -2.09 -22.64 -23.35
N SER B 367 -2.50 -23.77 -22.77
CA SER B 367 -2.90 -24.97 -23.53
C SER B 367 -1.76 -25.62 -24.33
N SER B 368 -0.56 -25.07 -24.20
CA SER B 368 0.58 -25.51 -25.00
C SER B 368 1.62 -26.23 -24.18
N ASN B 369 2.38 -27.07 -24.90
CA ASN B 369 3.56 -27.72 -24.35
C ASN B 369 4.70 -27.71 -25.35
N VAL B 370 5.91 -27.93 -24.85
CA VAL B 370 7.08 -28.13 -25.70
C VAL B 370 7.15 -29.58 -26.16
N SER B 371 7.51 -29.76 -27.42
CA SER B 371 7.75 -31.07 -27.98
C SER B 371 8.90 -31.03 -28.96
N VAL B 372 9.25 -32.19 -29.50
CA VAL B 372 10.42 -32.31 -30.36
C VAL B 372 10.12 -33.02 -31.67
N ALA B 373 10.67 -32.44 -32.74
CA ALA B 373 10.72 -33.09 -34.05
C ALA B 373 12.14 -32.97 -34.57
N HIS B 374 12.36 -33.38 -35.82
CA HIS B 374 13.67 -33.25 -36.47
C HIS B 374 13.57 -32.52 -37.80
N ASP B 375 14.59 -31.70 -38.09
CA ASP B 375 14.66 -30.94 -39.35
C ASP B 375 15.25 -31.76 -40.49
N ALA B 376 15.50 -31.10 -41.62
CA ALA B 376 15.97 -31.75 -42.85
C ALA B 376 17.26 -32.54 -42.64
N SER B 377 18.18 -31.96 -41.86
CA SER B 377 19.50 -32.58 -41.63
C SER B 377 19.50 -33.58 -40.45
N GLY B 378 18.33 -33.82 -39.86
CA GLY B 378 18.17 -34.80 -38.78
C GLY B 378 18.29 -34.23 -37.37
N LYS B 379 18.73 -32.97 -37.29
CA LYS B 379 18.95 -32.28 -36.02
C LYS B 379 17.64 -32.05 -35.26
N ARG B 380 17.69 -32.32 -33.95
CA ARG B 380 16.54 -32.07 -33.06
C ARG B 380 16.10 -30.61 -33.10
N VAL B 381 14.81 -30.42 -33.37
CA VAL B 381 14.19 -29.10 -33.26
C VAL B 381 13.07 -29.14 -32.23
N TYR B 382 13.08 -28.16 -31.32
CA TYR B 382 12.00 -27.99 -30.35
C TYR B 382 10.97 -27.03 -30.90
N TYR B 383 9.72 -27.28 -30.58
CA TYR B 383 8.63 -26.43 -31.04
C TYR B 383 7.47 -26.44 -30.08
N LEU B 384 6.59 -25.46 -30.21
CA LEU B 384 5.39 -25.38 -29.39
C LEU B 384 4.20 -26.00 -30.11
N THR B 385 3.52 -26.88 -29.38
CA THR B 385 2.30 -27.52 -29.86
C THR B 385 1.19 -27.41 -28.81
N ARG B 386 0.03 -27.97 -29.15
CA ARG B 386 -1.08 -28.09 -28.21
C ARG B 386 -2.02 -29.20 -28.64
N ASP B 387 -2.94 -29.52 -27.76
CA ASP B 387 -4.08 -30.36 -28.09
C ASP B 387 -4.88 -29.67 -29.19
N PRO B 388 -5.10 -30.34 -30.34
CA PRO B 388 -5.75 -29.69 -31.48
C PRO B 388 -7.27 -29.72 -31.44
N THR B 389 -7.84 -30.19 -30.33
CA THR B 389 -9.29 -30.36 -30.21
C THR B 389 -10.04 -29.06 -30.48
N THR B 390 -9.67 -28.02 -29.75
CA THR B 390 -10.36 -26.72 -29.85
C THR B 390 -10.11 -26.03 -31.19
N PRO B 391 -8.85 -25.99 -31.67
CA PRO B 391 -8.61 -25.48 -33.02
C PRO B 391 -9.41 -26.17 -34.11
N LEU B 392 -9.57 -27.48 -34.00
CA LEU B 392 -10.32 -28.25 -35.00
C LEU B 392 -11.82 -27.99 -34.90
N ALA B 393 -12.33 -27.93 -33.67
CA ALA B 393 -13.72 -27.56 -33.41
C ALA B 393 -14.05 -26.20 -34.04
N ARG B 394 -13.18 -25.23 -33.82
CA ARG B 394 -13.38 -23.86 -34.31
C ARG B 394 -13.23 -23.76 -35.83
N ALA B 395 -12.24 -24.49 -36.36
CA ALA B 395 -12.06 -24.62 -37.81
C ALA B 395 -13.33 -25.15 -38.48
N ALA B 396 -13.97 -26.10 -37.81
CA ALA B 396 -15.22 -26.70 -38.31
C ALA B 396 -16.32 -25.65 -38.38
N TRP B 397 -16.42 -24.83 -37.34
CA TRP B 397 -17.40 -23.74 -37.29
C TRP B 397 -17.13 -22.73 -38.40
N GLU B 398 -15.86 -22.38 -38.54
CA GLU B 398 -15.41 -21.38 -39.53
C GLU B 398 -15.54 -21.89 -40.98
N THR B 399 -15.60 -23.20 -41.15
CA THR B 399 -15.81 -23.80 -42.46
C THR B 399 -17.23 -23.52 -43.00
N ALA B 400 -18.19 -23.49 -42.08
CA ALA B 400 -19.60 -23.28 -42.44
C ALA B 400 -20.07 -21.84 -42.23
N ARG B 401 -19.33 -21.08 -41.41
CA ARG B 401 -19.70 -19.70 -41.03
C ARG B 401 -18.54 -18.73 -41.14
N HIS B 402 -18.80 -17.57 -41.74
CA HIS B 402 -17.83 -16.47 -41.71
C HIS B 402 -17.89 -15.82 -40.32
N THR B 403 -16.71 -15.67 -39.71
CA THR B 403 -16.61 -15.12 -38.34
C THR B 403 -15.75 -13.85 -38.30
N PRO B 404 -15.94 -13.00 -37.28
CA PRO B 404 -15.14 -11.79 -37.13
C PRO B 404 -13.66 -12.09 -37.03
N VAL B 405 -13.33 -13.14 -36.28
CA VAL B 405 -11.96 -13.61 -36.13
C VAL B 405 -11.79 -15.00 -36.74
N ASN B 406 -10.78 -15.13 -37.59
CA ASN B 406 -10.46 -16.39 -38.25
C ASN B 406 -9.40 -17.16 -37.46
N SER B 407 -9.86 -17.99 -36.54
CA SER B 407 -8.97 -18.73 -35.63
C SER B 407 -8.02 -19.62 -36.40
N TRP B 408 -8.51 -20.24 -37.47
CA TRP B 408 -7.72 -21.18 -38.27
C TRP B 408 -6.43 -20.54 -38.79
N LEU B 409 -6.54 -19.27 -39.18
CA LEU B 409 -5.39 -18.53 -39.73
C LEU B 409 -4.38 -18.22 -38.64
N GLY B 410 -4.89 -17.79 -37.50
CA GLY B 410 -4.06 -17.49 -36.33
C GLY B 410 -3.36 -18.74 -35.84
N ASN B 411 -4.08 -19.85 -35.86
CA ASN B 411 -3.53 -21.14 -35.47
C ASN B 411 -2.45 -21.63 -36.43
N ILE B 412 -2.69 -21.44 -37.72
CA ILE B 412 -1.67 -21.82 -38.71
C ILE B 412 -0.40 -20.99 -38.48
N ILE B 413 -0.59 -19.71 -38.18
CA ILE B 413 0.54 -18.80 -37.97
C ILE B 413 1.33 -19.19 -36.72
N MET B 414 0.63 -19.31 -35.60
CA MET B 414 1.29 -19.53 -34.31
C MET B 414 1.75 -20.96 -34.10
N TYR B 415 1.09 -21.90 -34.77
CA TYR B 415 1.40 -23.34 -34.63
C TYR B 415 1.83 -24.00 -35.93
N ALA B 416 2.43 -23.22 -36.82
CA ALA B 416 2.90 -23.69 -38.15
C ALA B 416 3.80 -24.93 -38.15
N PRO B 417 4.69 -25.09 -37.15
CA PRO B 417 5.54 -26.29 -37.13
C PRO B 417 4.84 -27.59 -36.76
N THR B 418 3.64 -27.49 -36.20
CA THR B 418 2.94 -28.68 -35.70
C THR B 418 2.42 -29.55 -36.84
N LEU B 419 2.33 -30.83 -36.54
CA LEU B 419 1.88 -31.82 -37.50
C LEU B 419 0.41 -31.59 -37.87
N TRP B 420 -0.38 -31.25 -36.85
CA TRP B 420 -1.82 -31.02 -37.03
C TRP B 420 -2.15 -29.76 -37.83
N ALA B 421 -1.42 -28.68 -37.61
CA ALA B 421 -1.62 -27.44 -38.37
C ALA B 421 -1.20 -27.55 -39.83
N ARG B 422 -0.12 -28.28 -40.09
CA ARG B 422 0.39 -28.46 -41.45
C ARG B 422 -0.48 -29.39 -42.30
N MET B 423 -0.80 -30.55 -41.75
CA MET B 423 -1.54 -31.59 -42.48
C MET B 423 -3.04 -31.31 -42.63
N ILE B 424 -3.66 -30.76 -41.60
CA ILE B 424 -5.12 -30.56 -41.58
C ILE B 424 -5.52 -29.11 -41.89
N LEU B 425 -5.08 -28.18 -41.06
CA LEU B 425 -5.50 -26.77 -41.20
C LEU B 425 -5.06 -26.13 -42.51
N MET B 426 -3.78 -26.29 -42.86
CA MET B 426 -3.26 -25.73 -44.12
C MET B 426 -3.99 -26.35 -45.31
N THR B 427 -4.11 -27.67 -45.28
CA THR B 427 -4.67 -28.42 -46.41
C THR B 427 -6.13 -28.05 -46.65
N HIS B 428 -6.90 -28.07 -45.57
CA HIS B 428 -8.33 -27.80 -45.61
C HIS B 428 -8.66 -26.37 -46.05
N PHE B 429 -8.01 -25.39 -45.44
CA PHE B 429 -8.34 -23.98 -45.71
C PHE B 429 -7.80 -23.47 -47.03
N PHE B 430 -6.63 -23.92 -47.44
CA PHE B 430 -6.12 -23.54 -48.77
C PHE B 430 -7.02 -24.12 -49.87
N SER B 431 -7.53 -25.31 -49.62
CA SER B 431 -8.48 -25.94 -50.53
C SER B 431 -9.71 -25.07 -50.71
N ILE B 432 -10.22 -24.57 -49.58
CA ILE B 432 -11.41 -23.70 -49.58
C ILE B 432 -11.13 -22.38 -50.31
N LEU B 433 -9.98 -21.78 -50.00
CA LEU B 433 -9.57 -20.51 -50.63
C LEU B 433 -9.40 -20.63 -52.15
N LEU B 434 -8.83 -21.74 -52.58
CA LEU B 434 -8.67 -22.05 -54.01
C LEU B 434 -10.01 -22.12 -54.74
N ALA B 435 -10.98 -22.79 -54.14
CA ALA B 435 -12.30 -23.03 -54.76
C ALA B 435 -13.09 -21.74 -54.92
N GLN B 436 -12.91 -20.82 -53.98
CA GLN B 436 -13.56 -19.50 -54.01
C GLN B 436 -12.69 -18.42 -54.66
N GLU B 437 -11.47 -18.80 -55.05
CA GLU B 437 -10.48 -17.86 -55.58
C GLU B 437 -10.29 -16.66 -54.64
N GLN B 438 -10.12 -16.96 -53.36
CA GLN B 438 -9.95 -15.93 -52.31
C GLN B 438 -8.57 -15.96 -51.66
N LEU B 439 -7.58 -16.41 -52.42
CA LEU B 439 -6.19 -16.48 -51.92
C LEU B 439 -5.64 -15.10 -51.57
N GLU B 440 -6.00 -14.08 -52.34
CA GLU B 440 -5.47 -12.71 -52.17
C GLU B 440 -6.29 -11.83 -51.23
N LYS B 441 -7.40 -12.35 -50.72
CA LYS B 441 -8.28 -11.59 -49.83
C LYS B 441 -7.74 -11.58 -48.39
N ALA B 442 -7.50 -10.38 -47.88
CA ALA B 442 -7.03 -10.20 -46.50
C ALA B 442 -8.08 -10.66 -45.51
N LEU B 443 -7.64 -11.40 -44.49
CA LEU B 443 -8.53 -11.88 -43.43
C LEU B 443 -8.10 -11.38 -42.06
N ASP B 444 -9.09 -11.15 -41.20
CA ASP B 444 -8.81 -10.68 -39.84
C ASP B 444 -8.47 -11.86 -38.95
N CYS B 445 -7.44 -11.68 -38.14
CA CYS B 445 -7.11 -12.66 -37.10
C CYS B 445 -6.40 -12.07 -35.89
N GLN B 446 -6.31 -12.90 -34.86
CA GLN B 446 -5.86 -12.46 -33.55
C GLN B 446 -4.52 -13.08 -33.18
N ILE B 447 -3.56 -12.21 -32.86
CA ILE B 447 -2.25 -12.63 -32.33
C ILE B 447 -1.96 -11.91 -31.01
N TYR B 448 -1.89 -12.69 -29.94
CA TYR B 448 -1.71 -12.19 -28.57
C TYR B 448 -2.74 -11.11 -28.24
N GLY B 449 -3.99 -11.37 -28.59
CA GLY B 449 -5.11 -10.47 -28.27
C GLY B 449 -5.29 -9.30 -29.21
N ALA B 450 -4.26 -8.98 -29.99
CA ALA B 450 -4.32 -7.90 -30.97
C ALA B 450 -4.86 -8.40 -32.32
N CYS B 451 -5.62 -7.55 -32.99
CA CYS B 451 -6.21 -7.91 -34.28
C CYS B 451 -5.33 -7.49 -35.45
N TYR B 452 -5.14 -8.42 -36.38
CA TYR B 452 -4.34 -8.18 -37.59
C TYR B 452 -5.11 -8.52 -38.85
N SER B 453 -4.79 -7.81 -39.92
CA SER B 453 -5.31 -8.12 -41.25
C SER B 453 -4.21 -8.76 -42.08
N ILE B 454 -4.45 -10.01 -42.48
CA ILE B 454 -3.41 -10.83 -43.09
C ILE B 454 -3.88 -11.51 -44.38
N GLU B 455 -3.05 -11.39 -45.40
CA GLU B 455 -3.30 -12.06 -46.67
C GLU B 455 -2.71 -13.49 -46.58
N PRO B 456 -3.55 -14.52 -46.81
CA PRO B 456 -3.06 -15.90 -46.75
C PRO B 456 -1.84 -16.19 -47.61
N LEU B 457 -1.74 -15.52 -48.75
CA LEU B 457 -0.58 -15.70 -49.65
C LEU B 457 0.75 -15.35 -48.98
N ASP B 458 0.68 -14.52 -47.93
CA ASP B 458 1.89 -14.12 -47.18
C ASP B 458 2.33 -15.12 -46.12
N LEU B 459 1.62 -16.24 -46.00
CA LEU B 459 1.90 -17.23 -44.95
C LEU B 459 3.34 -17.77 -44.93
N PRO B 460 3.90 -18.13 -46.10
CA PRO B 460 5.26 -18.68 -46.09
C PRO B 460 6.29 -17.73 -45.52
N GLN B 461 6.22 -16.46 -45.93
CA GLN B 461 7.14 -15.41 -45.42
C GLN B 461 6.98 -15.22 -43.93
N ILE B 462 5.72 -15.15 -43.49
CA ILE B 462 5.39 -14.95 -42.08
C ILE B 462 5.93 -16.11 -41.24
N ILE B 463 5.74 -17.33 -41.75
CA ILE B 463 6.16 -18.54 -41.02
C ILE B 463 7.69 -18.63 -40.91
N GLU B 464 8.40 -18.34 -41.99
CA GLU B 464 9.87 -18.34 -41.98
C GLU B 464 10.42 -17.42 -40.89
N ARG B 465 9.83 -16.23 -40.77
CA ARG B 465 10.25 -15.24 -39.77
C ARG B 465 9.95 -15.68 -38.34
N LEU B 466 8.75 -16.18 -38.10
CA LEU B 466 8.31 -16.57 -36.74
C LEU B 466 8.95 -17.86 -36.22
N HIS B 467 9.24 -18.77 -37.13
CA HIS B 467 9.66 -20.13 -36.77
C HIS B 467 10.95 -20.61 -37.42
N GLY B 468 11.40 -19.92 -38.45
CA GLY B 468 12.53 -20.38 -39.27
C GLY B 468 12.13 -21.34 -40.38
N LEU B 469 13.07 -21.57 -41.29
CA LEU B 469 12.86 -22.40 -42.48
C LEU B 469 12.51 -23.84 -42.12
N SER B 470 12.97 -24.27 -40.96
CA SER B 470 12.78 -25.65 -40.47
C SER B 470 11.30 -26.03 -40.30
N ALA B 471 10.44 -25.02 -40.14
CA ALA B 471 8.97 -25.24 -40.02
C ALA B 471 8.38 -25.99 -41.23
N PHE B 472 9.02 -25.82 -42.38
CA PHE B 472 8.56 -26.43 -43.64
C PHE B 472 9.14 -27.82 -43.90
N SER B 473 10.04 -28.27 -43.03
CA SER B 473 10.68 -29.58 -43.22
C SER B 473 10.73 -30.48 -41.99
N LEU B 474 10.00 -30.12 -40.94
CA LEU B 474 9.99 -30.96 -39.73
C LEU B 474 9.38 -32.33 -40.00
N HIS B 475 9.95 -33.33 -39.35
CA HIS B 475 9.48 -34.71 -39.47
C HIS B 475 9.91 -35.50 -38.23
N SER B 476 9.57 -36.78 -38.21
CA SER B 476 9.89 -37.64 -37.07
C SER B 476 9.39 -36.97 -35.80
N TYR B 477 8.10 -36.68 -35.81
CA TYR B 477 7.42 -36.18 -34.64
C TYR B 477 7.41 -37.25 -33.55
N SER B 478 7.24 -36.82 -32.31
CA SER B 478 7.28 -37.74 -31.17
C SER B 478 6.01 -38.60 -31.13
N PRO B 479 6.13 -39.85 -30.64
CA PRO B 479 5.00 -40.78 -30.54
C PRO B 479 3.86 -40.26 -29.67
N GLY B 480 4.21 -39.54 -28.62
CA GLY B 480 3.22 -38.94 -27.72
C GLY B 480 2.38 -37.89 -28.43
N GLU B 481 3.03 -37.08 -29.25
CA GLU B 481 2.37 -36.01 -30.01
C GLU B 481 1.49 -36.60 -31.10
N ILE B 482 2.05 -37.57 -31.82
CA ILE B 482 1.34 -38.26 -32.92
C ILE B 482 0.07 -38.94 -32.42
N ASN B 483 0.20 -39.64 -31.29
CA ASN B 483 -0.93 -40.33 -30.68
C ASN B 483 -2.01 -39.38 -30.17
N ARG B 484 -1.60 -38.25 -29.61
CA ARG B 484 -2.55 -37.24 -29.15
C ARG B 484 -3.40 -36.72 -30.33
N VAL B 485 -2.73 -36.38 -31.43
CA VAL B 485 -3.42 -35.91 -32.64
C VAL B 485 -4.38 -36.97 -33.18
N ALA B 486 -3.88 -38.20 -33.32
CA ALA B 486 -4.66 -39.30 -33.91
C ALA B 486 -5.89 -39.61 -33.07
N SER B 487 -5.70 -39.63 -31.75
CA SER B 487 -6.80 -39.83 -30.79
C SER B 487 -7.86 -38.76 -30.91
N CYS B 488 -7.39 -37.52 -31.05
CA CYS B 488 -8.29 -36.37 -31.21
C CYS B 488 -9.10 -36.50 -32.51
N LEU B 489 -8.44 -36.93 -33.56
CA LEU B 489 -9.09 -37.11 -34.87
C LEU B 489 -10.25 -38.12 -34.77
N ARG B 490 -9.99 -39.25 -34.11
CA ARG B 490 -11.01 -40.29 -33.92
C ARG B 490 -12.18 -39.76 -33.10
N LYS B 491 -11.84 -39.03 -32.05
CA LYS B 491 -12.82 -38.47 -31.11
C LYS B 491 -13.82 -37.56 -31.82
N LEU B 492 -13.31 -36.70 -32.69
CA LEU B 492 -14.12 -35.70 -33.40
C LEU B 492 -14.69 -36.20 -34.73
N GLY B 493 -14.26 -37.38 -35.16
CA GLY B 493 -14.66 -37.93 -36.46
C GLY B 493 -14.02 -37.21 -37.63
N VAL B 494 -12.78 -36.79 -37.41
CA VAL B 494 -11.96 -36.18 -38.46
C VAL B 494 -11.26 -37.30 -39.23
N PRO B 495 -11.17 -37.17 -40.58
CA PRO B 495 -10.46 -38.20 -41.32
C PRO B 495 -9.01 -38.36 -40.86
N PRO B 496 -8.44 -39.56 -41.04
CA PRO B 496 -7.09 -39.82 -40.58
C PRO B 496 -6.03 -39.12 -41.43
N LEU B 497 -4.84 -39.00 -40.87
CA LEU B 497 -3.77 -38.21 -41.48
C LEU B 497 -3.41 -38.66 -42.89
N ARG B 498 -3.58 -39.95 -43.16
CA ARG B 498 -3.31 -40.50 -44.50
C ARG B 498 -4.20 -39.85 -45.57
N VAL B 499 -5.46 -39.58 -45.22
CA VAL B 499 -6.39 -38.90 -46.14
C VAL B 499 -5.92 -37.46 -46.42
N TRP B 500 -5.50 -36.80 -45.36
CA TRP B 500 -5.01 -35.41 -45.44
C TRP B 500 -3.76 -35.29 -46.33
N ARG B 501 -2.91 -36.32 -46.26
CA ARG B 501 -1.73 -36.39 -47.13
C ARG B 501 -2.15 -36.38 -48.61
N HIS B 502 -3.16 -37.19 -48.93
CA HIS B 502 -3.68 -37.29 -50.30
C HIS B 502 -4.28 -35.96 -50.77
N ARG B 503 -5.05 -35.33 -49.89
CA ARG B 503 -5.67 -34.04 -50.21
C ARG B 503 -4.60 -32.97 -50.42
N ALA B 504 -3.55 -33.03 -49.60
CA ALA B 504 -2.48 -32.05 -49.64
C ALA B 504 -1.73 -32.06 -50.97
N ARG B 505 -1.55 -33.27 -51.51
CA ARG B 505 -0.95 -33.44 -52.85
C ARG B 505 -1.76 -32.69 -53.91
N SER B 506 -3.07 -32.84 -53.85
CA SER B 506 -3.98 -32.15 -54.77
C SER B 506 -3.90 -30.64 -54.60
N VAL B 507 -4.00 -30.20 -53.35
CA VAL B 507 -3.93 -28.77 -53.01
C VAL B 507 -2.60 -28.17 -53.44
N ARG B 508 -1.52 -28.89 -53.16
CA ARG B 508 -0.18 -28.48 -53.60
C ARG B 508 -0.11 -28.26 -55.12
N ALA B 509 -0.50 -29.28 -55.87
CA ALA B 509 -0.47 -29.23 -57.35
C ALA B 509 -1.28 -28.05 -57.88
N ARG B 510 -2.45 -27.84 -57.28
CA ARG B 510 -3.33 -26.74 -57.68
C ARG B 510 -2.71 -25.37 -57.39
N LEU B 511 -1.98 -25.28 -56.29
CA LEU B 511 -1.30 -24.03 -55.93
C LEU B 511 -0.16 -23.70 -56.91
N LEU B 512 0.59 -24.73 -57.28
CA LEU B 512 1.71 -24.59 -58.21
C LEU B 512 1.25 -24.13 -59.60
N SER B 513 0.10 -24.63 -60.02
CA SER B 513 -0.52 -24.29 -61.31
C SER B 513 -0.93 -22.82 -61.42
N GLN B 514 -1.22 -22.21 -60.27
CA GLN B 514 -1.60 -20.77 -60.23
C GLN B 514 -0.38 -19.88 -60.41
N GLY B 515 0.80 -20.44 -60.18
CA GLY B 515 2.06 -19.70 -60.22
C GLY B 515 2.15 -18.62 -59.15
N GLY B 516 3.22 -17.83 -59.24
CA GLY B 516 3.41 -16.67 -58.35
C GLY B 516 3.40 -17.00 -56.87
N ARG B 517 2.78 -16.12 -56.09
CA ARG B 517 2.72 -16.28 -54.64
C ARG B 517 2.00 -17.56 -54.23
N ALA B 518 0.97 -17.93 -54.99
CA ALA B 518 0.26 -19.18 -54.76
C ALA B 518 1.22 -20.36 -54.92
N ALA B 519 2.13 -20.25 -55.89
CA ALA B 519 3.10 -21.31 -56.17
C ALA B 519 4.05 -21.49 -55.00
N THR B 520 4.51 -20.37 -54.45
CA THR B 520 5.36 -20.34 -53.26
C THR B 520 4.67 -21.01 -52.07
N CYS B 521 3.38 -20.73 -51.89
CA CYS B 521 2.58 -21.40 -50.85
C CYS B 521 2.59 -22.92 -51.04
N GLY B 522 2.36 -23.34 -52.27
CA GLY B 522 2.37 -24.78 -52.62
C GLY B 522 3.73 -25.41 -52.34
N LYS B 523 4.77 -24.68 -52.73
CA LYS B 523 6.16 -25.16 -52.61
C LYS B 523 6.58 -25.37 -51.15
N TYR B 524 6.37 -24.34 -50.33
CA TYR B 524 6.89 -24.32 -48.94
C TYR B 524 5.94 -24.98 -47.94
N LEU B 525 4.66 -24.63 -48.03
CA LEU B 525 3.67 -25.08 -47.05
C LEU B 525 3.39 -26.58 -47.15
N PHE B 526 3.52 -27.12 -48.35
CA PHE B 526 3.13 -28.52 -48.62
C PHE B 526 4.26 -29.41 -49.12
N ASN B 527 5.50 -28.96 -48.91
CA ASN B 527 6.69 -29.77 -49.24
C ASN B 527 6.68 -31.13 -48.53
N TRP B 528 6.09 -31.16 -47.34
CA TRP B 528 5.91 -32.39 -46.56
C TRP B 528 5.07 -33.44 -47.27
N ALA B 529 4.24 -33.00 -48.21
CA ALA B 529 3.28 -33.88 -48.88
C ALA B 529 3.91 -34.77 -49.94
N VAL B 530 5.05 -34.34 -50.48
CA VAL B 530 5.73 -35.09 -51.55
C VAL B 530 6.84 -36.00 -51.05
N LYS B 531 7.17 -36.99 -51.86
CA LYS B 531 8.22 -37.96 -51.56
C LYS B 531 9.59 -37.37 -51.88
N THR B 532 9.71 -36.85 -53.10
CA THR B 532 10.95 -36.21 -53.59
C THR B 532 10.90 -34.72 -53.32
N LYS B 533 11.48 -34.33 -52.19
CA LYS B 533 11.36 -32.95 -51.68
C LYS B 533 12.03 -31.94 -52.60
N LEU B 534 11.42 -30.75 -52.68
CA LEU B 534 12.09 -29.62 -53.34
C LEU B 534 13.06 -29.00 -52.33
N LYS B 535 14.11 -28.38 -52.87
CA LYS B 535 15.09 -27.66 -52.05
C LYS B 535 14.50 -26.31 -51.63
N LEU B 536 14.30 -26.15 -50.32
CA LEU B 536 13.71 -24.92 -49.79
C LEU B 536 14.78 -23.95 -49.35
N THR B 537 14.71 -22.75 -49.91
CA THR B 537 15.66 -21.68 -49.68
C THR B 537 14.96 -20.45 -49.11
N PRO B 538 15.74 -19.52 -48.53
CA PRO B 538 15.15 -18.29 -48.00
C PRO B 538 14.29 -17.56 -49.04
N ILE B 539 13.08 -17.25 -48.63
CA ILE B 539 12.14 -16.53 -49.49
C ILE B 539 12.51 -15.07 -49.41
N PRO B 540 12.64 -14.41 -50.58
CA PRO B 540 12.88 -12.96 -50.54
C PRO B 540 11.69 -12.20 -49.96
N GLY B 549 6.84 -5.08 -33.71
CA GLY B 549 5.41 -4.79 -33.83
C GLY B 549 4.56 -5.98 -33.37
N TRP B 550 4.86 -7.14 -33.93
CA TRP B 550 4.09 -8.36 -33.69
C TRP B 550 4.20 -8.95 -32.29
N PHE B 551 5.39 -8.93 -31.71
CA PHE B 551 5.59 -9.52 -30.40
C PHE B 551 6.25 -8.54 -29.46
N VAL B 552 5.46 -7.55 -29.08
CA VAL B 552 5.88 -6.61 -28.06
C VAL B 552 5.10 -6.85 -26.77
N ALA B 553 3.77 -6.84 -26.89
CA ALA B 553 2.90 -6.91 -25.71
C ALA B 553 1.61 -7.72 -25.91
N GLY B 554 1.01 -8.10 -24.78
CA GLY B 554 -0.35 -8.65 -24.75
C GLY B 554 -1.38 -7.53 -24.83
N TYR B 555 -2.47 -7.79 -25.54
CA TYR B 555 -3.56 -6.81 -25.69
C TYR B 555 -4.97 -7.41 -25.55
N SER B 556 -5.05 -8.63 -25.03
CA SER B 556 -6.35 -9.34 -25.04
C SER B 556 -7.44 -8.56 -24.30
N GLY B 557 -8.55 -8.36 -25.01
CA GLY B 557 -9.68 -7.56 -24.53
C GLY B 557 -9.49 -6.05 -24.67
N GLY B 558 -8.35 -5.64 -25.22
CA GLY B 558 -7.94 -4.24 -25.26
C GLY B 558 -8.26 -3.47 -26.54
N ASP B 559 -9.04 -4.07 -27.43
CA ASP B 559 -9.54 -3.36 -28.60
C ASP B 559 -8.39 -2.74 -29.43
N ILE B 560 -7.36 -3.54 -29.71
CA ILE B 560 -6.19 -3.08 -30.49
C ILE B 560 -6.12 -3.72 -31.90
N TYR B 561 -5.74 -2.90 -32.88
CA TYR B 561 -5.63 -3.31 -34.28
C TYR B 561 -4.36 -2.75 -34.95
N HIS B 562 -3.79 -3.54 -35.86
CA HIS B 562 -2.61 -3.14 -36.67
C HIS B 562 -2.77 -3.58 -38.12
C3 K4J C . -4.77 9.63 26.98
C5 K4J C . -4.67 10.15 28.37
C6 K4J C . -5.25 9.65 29.65
N11 K4J C . -2.24 14.55 30.66
C12 K4J C . -1.04 14.57 31.47
C13 K4J C . -1.16 15.94 32.15
C17 K4J C . 0.12 14.52 30.60
C19 K4J C . 1.53 15.56 28.98
O22 K4J C . 4.40 13.09 28.02
O23 K4J C . 3.56 15.30 26.82
C24 K4J C . 1.99 13.31 29.71
C26 K4J C . 0.89 13.37 30.55
C27 K4J C . -2.58 13.34 28.55
C29 K4J C . -3.90 11.38 28.64
C30 K4J C . -1.76 14.31 27.79
C31 K4J C . -1.93 14.36 26.27
C32 K4J C . -0.72 13.67 26.87
C33 K4J C . -6.14 8.52 29.94
C34 K4J C . -6.96 8.03 28.93
C35 K4J C . -7.84 6.99 29.20
C36 K4J C . -7.92 6.48 30.48
C38 K4J C . -7.12 6.99 31.50
F25 K4J C . 2.74 12.20 29.67
C20 K4J C . 2.32 14.41 28.93
B21 K4J C . 3.51 14.35 28.02
C18 K4J C . 0.42 15.62 29.82
O14 K4J C . -2.45 16.46 31.81
C15 K4J C . -2.94 15.66 30.73
O16 K4J C . -3.87 16.01 30.01
C10 K4J C . -2.74 13.48 29.94
C9 K4J C . -3.52 12.59 30.66
C8 K4J C . -4.09 11.52 30.00
O7 K4J C . -4.83 10.58 30.56
C28 K4J C . -3.16 12.26 27.89
N2 K4J C . -4.28 8.44 26.65
C1 K4J C . -4.40 7.94 25.30
O4 K4J C . -5.34 10.34 26.18
C39 K4J C . -6.24 8.03 31.23
F37 K4J C . -8.77 5.47 30.73
C3 K4J D . 3.73 -19.24 -21.21
C5 K4J D . 3.62 -20.14 -22.38
C6 K4J D . 4.03 -21.56 -22.55
N11 K4J D . 1.88 -19.68 -27.63
C12 K4J D . 0.67 -20.24 -28.18
C13 K4J D . 0.95 -20.18 -29.67
C17 K4J D . -0.42 -19.33 -27.86
C19 K4J D . -1.47 -17.22 -28.20
O22 K4J D . -3.30 -15.13 -27.18
O23 K4J D . -4.58 -17.03 -25.90
C24 K4J D . -2.44 -18.83 -26.68
C26 K4J D . -1.40 -19.71 -26.97
C27 K4J D . 2.11 -18.47 -25.51
C29 K4J D . 3.07 -19.65 -23.68
C30 K4J D . 1.52 -17.24 -26.10
C31 K4J D . 1.69 -15.92 -25.35
C32 K4J D . 0.35 -16.63 -25.32
C33 K4J D . 4.70 -22.53 -21.66
C34 K4J D . 5.60 -22.08 -20.71
C35 K4J D . 6.28 -23.01 -19.94
C36 K4J D . 6.10 -24.36 -20.15
C38 K4J D . 5.24 -24.80 -21.15
F25 K4J D . -3.42 -19.18 -25.83
C20 K4J D . -2.47 -17.59 -27.29
B21 K4J D . -3.58 -16.63 -26.98
C18 K4J D . -0.44 -18.10 -28.48
O14 K4J D . 2.25 -19.61 -29.84
C15 K4J D . 2.73 -19.25 -28.55
O16 K4J D . 3.77 -18.63 -28.38
C10 K4J D . 2.23 -19.63 -26.27
C9 K4J D . 2.80 -20.78 -25.76
C8 K4J D . 3.20 -20.78 -24.45
O7 K4J D . 3.74 -21.82 -23.85
C28 K4J D . 2.52 -18.48 -24.18
N2 K4J D . 3.04 -19.42 -20.09
C1 K4J D . 3.21 -18.52 -18.96
O4 K4J D . 4.53 -18.33 -21.32
C39 K4J D . 4.54 -23.88 -21.91
F37 K4J D . 6.78 -25.23 -19.39
#